data_4WEC
#
_entry.id   4WEC
#
_cell.length_a   68.900
_cell.length_b   96.640
_cell.length_c   81.540
_cell.angle_alpha   90.000
_cell.angle_beta   101.940
_cell.angle_gamma   90.000
#
_symmetry.space_group_name_H-M   'P 1 21 1'
#
loop_
_entity.id
_entity.type
_entity.pdbx_description
1 polymer 'Short chain dehydrogenase'
2 non-polymer NICOTINAMIDE-ADENINE-DINUCLEOTIDE
3 non-polymer 'ZINC ION'
4 non-polymer 'MAGNESIUM ION'
5 non-polymer 1,2-ETHANEDIOL
6 water water
#
_entity_poly.entity_id   1
_entity_poly.type   'polypeptide(L)'
_entity_poly.pdbx_seq_one_letter_code
;MAHHHHHHMGTLEAQTQGPGSMDLTQRLAGKVAVITGGASGIGLATGRRLRAEGATVVVGDIDPTTGKAAADELEGLFVP
VDVSEQEAVDNLFDTAASTFGRVDIAFNNAGISPPEDDLIENTDLPAWQRVQDINLKSVYLSCRAALRHMVPAGKGSIIN
TASFVAVMGSATSQISYTASKGGVLAMSRELGVQYARQGIRVNALCPGPVNTPLLQELFAKDPERAARRLVHIPLGRFAE
PEELAAAVAFLASDDASFITGSTFLVDGGISSAYVTPL
;
_entity_poly.pdbx_strand_id   A,B,C,D
#
# COMPACT_ATOMS: atom_id res chain seq x y z
N SER A 21 30.89 -19.30 -3.07
CA SER A 21 31.09 -19.72 -1.69
C SER A 21 29.75 -19.77 -0.97
N MET A 22 28.70 -19.32 -1.65
CA MET A 22 27.35 -19.36 -1.10
C MET A 22 26.61 -20.62 -1.54
N ASP A 23 26.36 -21.47 -0.55
CA ASP A 23 25.71 -22.75 -0.75
C ASP A 23 24.41 -22.76 0.03
N LEU A 24 23.30 -22.69 -0.70
CA LEU A 24 21.97 -22.62 -0.10
CA LEU A 24 21.98 -22.62 -0.08
C LEU A 24 21.52 -23.95 0.48
N THR A 25 22.18 -25.04 0.06
CA THR A 25 21.80 -26.35 0.57
C THR A 25 22.11 -26.46 2.06
N GLN A 26 22.77 -25.45 2.59
CA GLN A 26 23.15 -25.38 4.00
C GLN A 26 22.56 -24.15 4.69
N ARG A 27 21.74 -23.37 3.98
CA ARG A 27 21.24 -22.11 4.52
C ARG A 27 20.43 -22.28 5.81
N LEU A 28 19.75 -23.42 5.96
CA LEU A 28 18.93 -23.67 7.14
C LEU A 28 19.40 -24.91 7.88
N ALA A 29 20.69 -25.22 7.77
CA ALA A 29 21.25 -26.40 8.41
C ALA A 29 20.90 -26.46 9.91
N GLY A 30 20.24 -27.54 10.30
CA GLY A 30 19.93 -27.79 11.72
C GLY A 30 18.73 -27.04 12.25
N LYS A 31 18.20 -26.12 11.45
CA LYS A 31 17.04 -25.35 11.88
C LYS A 31 15.81 -26.24 11.96
N VAL A 32 15.04 -26.13 13.05
CA VAL A 32 13.81 -26.89 13.22
C VAL A 32 12.60 -26.07 12.74
N ALA A 33 11.88 -26.58 11.75
CA ALA A 33 10.74 -25.87 11.16
C ALA A 33 9.44 -26.62 11.36
N VAL A 34 8.45 -25.93 11.92
CA VAL A 34 7.10 -26.46 12.05
C VAL A 34 6.25 -25.90 10.93
N ILE A 35 5.62 -26.78 10.16
CA ILE A 35 4.78 -26.37 9.05
C ILE A 35 3.37 -26.89 9.24
N THR A 36 2.40 -26.00 9.41
CA THR A 36 1.02 -26.47 9.49
C THR A 36 0.45 -26.58 8.09
N GLY A 37 -0.49 -27.49 7.91
CA GLY A 37 -0.97 -27.83 6.58
C GLY A 37 0.19 -28.36 5.74
N GLY A 38 1.08 -29.09 6.39
CA GLY A 38 2.32 -29.47 5.74
C GLY A 38 2.21 -30.65 4.80
N ALA A 39 1.02 -31.25 4.74
CA ALA A 39 0.88 -32.47 3.98
C ALA A 39 0.54 -32.25 2.50
N SER A 40 0.24 -31.01 2.13
CA SER A 40 -0.30 -30.67 0.82
CA SER A 40 -0.17 -30.74 0.76
C SER A 40 0.17 -29.32 0.31
N GLY A 41 -0.03 -29.07 -0.97
CA GLY A 41 0.11 -27.75 -1.56
C GLY A 41 1.39 -27.02 -1.22
N ILE A 42 1.27 -25.73 -0.91
CA ILE A 42 2.39 -24.87 -0.54
CA ILE A 42 2.47 -24.96 -0.63
C ILE A 42 3.12 -25.42 0.68
N GLY A 43 2.35 -25.99 1.60
CA GLY A 43 2.91 -26.52 2.84
C GLY A 43 3.92 -27.64 2.55
N LEU A 44 3.51 -28.57 1.70
CA LEU A 44 4.36 -29.68 1.28
C LEU A 44 5.56 -29.21 0.46
N ALA A 45 5.32 -28.29 -0.48
CA ALA A 45 6.41 -27.82 -1.32
C ALA A 45 7.43 -27.10 -0.44
N THR A 46 6.94 -26.36 0.54
CA THR A 46 7.83 -25.65 1.45
C THR A 46 8.64 -26.63 2.30
N GLY A 47 8.00 -27.70 2.77
CA GLY A 47 8.74 -28.72 3.49
C GLY A 47 9.90 -29.28 2.69
N ARG A 48 9.67 -29.57 1.42
CA ARG A 48 10.74 -30.05 0.56
C ARG A 48 11.88 -29.05 0.45
N ARG A 49 11.53 -27.77 0.27
CA ARG A 49 12.54 -26.75 0.10
C ARG A 49 13.35 -26.50 1.37
N LEU A 50 12.69 -26.42 2.51
CA LEU A 50 13.41 -26.21 3.77
C LEU A 50 14.32 -27.40 4.04
N ARG A 51 13.82 -28.61 3.83
CA ARG A 51 14.64 -29.80 4.01
C ARG A 51 15.85 -29.78 3.08
N ALA A 52 15.66 -29.29 1.85
CA ALA A 52 16.76 -29.24 0.87
C ALA A 52 17.85 -28.28 1.33
N GLU A 53 17.49 -27.35 2.20
CA GLU A 53 18.43 -26.37 2.73
C GLU A 53 18.93 -26.79 4.11
N GLY A 54 18.57 -28.01 4.53
CA GLY A 54 19.13 -28.60 5.73
C GLY A 54 18.26 -28.61 6.98
N ALA A 55 17.02 -28.18 6.85
CA ALA A 55 16.16 -28.09 8.02
C ALA A 55 15.62 -29.45 8.44
N THR A 56 15.21 -29.53 9.71
CA THR A 56 14.41 -30.60 10.24
C THR A 56 12.95 -30.13 10.19
N VAL A 57 12.08 -30.89 9.52
CA VAL A 57 10.71 -30.44 9.31
C VAL A 57 9.73 -31.25 10.13
N VAL A 58 8.95 -30.54 10.94
CA VAL A 58 7.80 -31.12 11.63
C VAL A 58 6.55 -30.78 10.83
N VAL A 59 5.89 -31.82 10.34
CA VAL A 59 4.70 -31.69 9.53
C VAL A 59 3.48 -31.77 10.43
N GLY A 60 2.79 -30.65 10.58
CA GLY A 60 1.55 -30.64 11.34
C GLY A 60 0.40 -30.62 10.36
N ASP A 61 -0.46 -31.63 10.42
CA ASP A 61 -1.59 -31.72 9.50
C ASP A 61 -2.72 -32.50 10.16
N ILE A 62 -3.94 -32.22 9.73
CA ILE A 62 -5.11 -32.91 10.23
C ILE A 62 -5.26 -34.32 9.64
N ASP A 63 -4.66 -34.54 8.47
CA ASP A 63 -4.79 -35.82 7.77
C ASP A 63 -3.59 -36.71 8.07
N PRO A 64 -3.80 -37.80 8.84
CA PRO A 64 -2.65 -38.65 9.23
C PRO A 64 -2.02 -39.42 8.08
N THR A 65 -2.82 -39.80 7.09
CA THR A 65 -2.30 -40.52 5.93
C THR A 65 -1.32 -39.68 5.11
N THR A 66 -1.78 -38.53 4.62
CA THR A 66 -0.93 -37.65 3.84
C THR A 66 0.11 -36.99 4.71
N GLY A 67 -0.23 -36.77 5.98
CA GLY A 67 0.71 -36.21 6.93
C GLY A 67 1.94 -37.08 7.14
N LYS A 68 1.70 -38.36 7.38
CA LYS A 68 2.80 -39.31 7.57
C LYS A 68 3.60 -39.47 6.29
N ALA A 69 2.91 -39.52 5.15
CA ALA A 69 3.57 -39.63 3.85
C ALA A 69 4.52 -38.46 3.61
N ALA A 70 4.08 -37.25 3.95
CA ALA A 70 4.93 -36.08 3.81
C ALA A 70 6.15 -36.15 4.72
N ALA A 71 5.92 -36.47 6.00
CA ALA A 71 7.02 -36.53 6.95
C ALA A 71 8.02 -37.61 6.53
N ASP A 72 7.53 -38.72 6.00
CA ASP A 72 8.44 -39.77 5.51
C ASP A 72 9.31 -39.24 4.37
N GLU A 73 8.69 -38.56 3.41
CA GLU A 73 9.45 -38.04 2.28
C GLU A 73 10.50 -37.03 2.73
N LEU A 74 10.13 -36.21 3.72
CA LEU A 74 10.96 -35.12 4.20
C LEU A 74 11.96 -35.56 5.26
N GLU A 75 11.94 -36.86 5.60
CA GLU A 75 12.75 -37.39 6.68
C GLU A 75 12.52 -36.58 7.96
N GLY A 76 11.25 -36.24 8.19
CA GLY A 76 10.88 -35.42 9.32
C GLY A 76 9.91 -36.14 10.25
N LEU A 77 9.09 -35.35 10.93
CA LEU A 77 8.17 -35.87 11.94
C LEU A 77 6.76 -35.38 11.69
N PHE A 78 5.82 -36.31 11.61
CA PHE A 78 4.41 -35.96 11.53
C PHE A 78 3.81 -35.85 12.92
N VAL A 79 3.07 -34.77 13.14
CA VAL A 79 2.33 -34.56 14.37
C VAL A 79 0.89 -34.18 14.01
N PRO A 80 -0.09 -35.00 14.41
CA PRO A 80 -1.48 -34.67 14.08
C PRO A 80 -1.91 -33.38 14.76
N VAL A 81 -2.66 -32.54 14.05
CA VAL A 81 -3.14 -31.28 14.64
C VAL A 81 -4.36 -30.77 13.89
N ASP A 82 -5.37 -30.38 14.65
CA ASP A 82 -6.47 -29.55 14.16
C ASP A 82 -6.11 -28.14 14.60
N VAL A 83 -5.73 -27.29 13.64
CA VAL A 83 -5.20 -25.97 13.97
C VAL A 83 -6.25 -25.02 14.52
N SER A 84 -7.52 -25.42 14.51
CA SER A 84 -8.58 -24.60 15.11
C SER A 84 -8.75 -24.88 16.60
N GLU A 85 -7.92 -25.78 17.14
CA GLU A 85 -8.04 -26.18 18.54
C GLU A 85 -6.80 -25.80 19.34
N GLN A 86 -7.00 -25.05 20.42
CA GLN A 86 -5.90 -24.59 21.25
C GLN A 86 -5.02 -25.73 21.79
N GLU A 87 -5.64 -26.77 22.31
CA GLU A 87 -4.87 -27.89 22.87
C GLU A 87 -3.98 -28.54 21.81
N ALA A 88 -4.53 -28.73 20.61
CA ALA A 88 -3.81 -29.42 19.54
C ALA A 88 -2.67 -28.56 19.01
N VAL A 89 -2.89 -27.25 18.92
CA VAL A 89 -1.86 -26.37 18.42
C VAL A 89 -0.72 -26.26 19.43
N ASP A 90 -1.08 -26.14 20.72
CA ASP A 90 -0.06 -26.13 21.76
C ASP A 90 0.74 -27.44 21.72
N ASN A 91 0.06 -28.56 21.51
CA ASN A 91 0.75 -29.85 21.45
C ASN A 91 1.70 -29.92 20.28
N LEU A 92 1.32 -29.34 19.14
CA LEU A 92 2.17 -29.39 17.96
C LEU A 92 3.52 -28.74 18.23
N PHE A 93 3.48 -27.53 18.74
CA PHE A 93 4.71 -26.78 19.00
C PHE A 93 5.47 -27.31 20.21
N ASP A 94 4.77 -27.71 21.26
CA ASP A 94 5.46 -28.33 22.40
C ASP A 94 6.16 -29.63 21.99
N THR A 95 5.53 -30.40 21.10
CA THR A 95 6.11 -31.66 20.65
C THR A 95 7.33 -31.39 19.79
N ALA A 96 7.26 -30.39 18.93
CA ALA A 96 8.42 -30.04 18.11
C ALA A 96 9.58 -29.63 18.99
N ALA A 97 9.32 -28.80 20.00
CA ALA A 97 10.39 -28.31 20.86
C ALA A 97 10.96 -29.40 21.75
N SER A 98 10.11 -30.30 22.27
CA SER A 98 10.61 -31.36 23.13
CA SER A 98 10.59 -31.38 23.12
C SER A 98 11.40 -32.40 22.32
N THR A 99 10.91 -32.70 21.12
CA THR A 99 11.53 -33.73 20.30
C THR A 99 12.83 -33.24 19.69
N PHE A 100 12.86 -32.00 19.17
CA PHE A 100 14.04 -31.54 18.46
C PHE A 100 14.80 -30.40 19.14
N GLY A 101 14.35 -30.00 20.32
CA GLY A 101 15.08 -29.06 21.14
C GLY A 101 14.62 -27.60 21.10
N ARG A 102 13.97 -27.22 20.01
CA ARG A 102 13.68 -25.81 19.72
C ARG A 102 12.74 -25.71 18.54
N VAL A 103 12.18 -24.52 18.34
CA VAL A 103 11.42 -24.21 17.15
C VAL A 103 12.05 -22.96 16.54
N ASP A 104 12.82 -23.14 15.47
CA ASP A 104 13.48 -22.03 14.81
C ASP A 104 12.57 -21.28 13.81
N ILE A 105 11.72 -22.04 13.14
CA ILE A 105 10.89 -21.53 12.06
C ILE A 105 9.47 -22.03 12.26
N ALA A 106 8.49 -21.13 12.16
CA ALA A 106 7.10 -21.54 12.13
C ALA A 106 6.47 -21.06 10.84
N PHE A 107 5.99 -21.98 10.03
CA PHE A 107 5.24 -21.64 8.82
C PHE A 107 3.80 -21.98 9.11
N ASN A 108 3.04 -20.95 9.50
CA ASN A 108 1.65 -21.12 9.94
C ASN A 108 0.76 -20.94 8.74
N ASN A 109 0.47 -22.07 8.11
CA ASN A 109 0.05 -22.12 6.73
C ASN A 109 -1.29 -22.79 6.52
N ALA A 110 -1.71 -23.63 7.45
CA ALA A 110 -2.98 -24.33 7.32
C ALA A 110 -4.13 -23.35 7.08
N GLY A 111 -4.99 -23.71 6.15
CA GLY A 111 -6.17 -22.90 5.84
C GLY A 111 -7.10 -23.66 4.93
N ILE A 112 -8.34 -23.22 4.83
CA ILE A 112 -9.33 -23.84 3.95
C ILE A 112 -10.06 -22.79 3.11
N SER A 113 -10.69 -23.23 2.02
CA SER A 113 -11.50 -22.37 1.16
C SER A 113 -12.72 -23.14 0.67
N PRO A 114 -13.63 -23.49 1.59
CA PRO A 114 -14.76 -24.36 1.24
C PRO A 114 -15.81 -23.67 0.37
N PRO A 115 -16.55 -24.44 -0.42
CA PRO A 115 -17.52 -23.84 -1.35
C PRO A 115 -18.70 -23.19 -0.65
N GLU A 116 -18.95 -23.54 0.61
CA GLU A 116 -20.08 -22.99 1.35
C GLU A 116 -19.81 -21.53 1.72
N ASP A 117 -18.54 -21.16 1.71
CA ASP A 117 -18.13 -19.78 1.86
C ASP A 117 -17.98 -19.19 0.46
N ASP A 118 -18.88 -18.28 0.09
CA ASP A 118 -18.90 -17.77 -1.27
C ASP A 118 -19.31 -16.30 -1.23
N LEU A 119 -20.19 -15.89 -2.14
CA LEU A 119 -20.66 -14.52 -2.14
C LEU A 119 -21.40 -14.26 -0.85
N ILE A 120 -21.28 -13.04 -0.33
CA ILE A 120 -21.84 -12.72 0.98
C ILE A 120 -23.36 -12.93 1.03
N GLU A 121 -24.06 -12.71 -0.09
CA GLU A 121 -25.50 -12.92 -0.13
C GLU A 121 -25.88 -14.36 0.22
N ASN A 122 -25.04 -15.30 -0.18
CA ASN A 122 -25.37 -16.72 -0.02
C ASN A 122 -24.60 -17.41 1.09
N THR A 123 -23.80 -16.66 1.83
CA THR A 123 -22.93 -17.26 2.84
C THR A 123 -23.53 -17.10 4.23
N ASP A 124 -23.94 -18.22 4.81
CA ASP A 124 -24.58 -18.22 6.12
C ASP A 124 -23.55 -18.33 7.24
N LEU A 125 -24.00 -18.20 8.48
CA LEU A 125 -23.07 -18.08 9.60
C LEU A 125 -22.22 -19.33 9.84
N PRO A 126 -22.76 -20.57 9.70
CA PRO A 126 -21.86 -21.69 9.98
C PRO A 126 -20.62 -21.73 9.06
N ALA A 127 -20.80 -21.43 7.78
CA ALA A 127 -19.67 -21.35 6.85
C ALA A 127 -18.73 -20.19 7.19
N TRP A 128 -19.31 -19.02 7.49
CA TRP A 128 -18.53 -17.85 7.90
C TRP A 128 -17.63 -18.20 9.05
N GLN A 129 -18.23 -18.76 10.09
CA GLN A 129 -17.50 -19.00 11.33
C GLN A 129 -16.50 -20.13 11.20
N ARG A 130 -16.81 -21.14 10.40
CA ARG A 130 -15.90 -22.25 10.19
CA ARG A 130 -15.89 -22.25 10.20
C ARG A 130 -14.60 -21.78 9.56
N VAL A 131 -14.72 -20.88 8.57
CA VAL A 131 -13.53 -20.37 7.89
C VAL A 131 -12.73 -19.45 8.82
N GLN A 132 -13.40 -18.64 9.61
CA GLN A 132 -12.70 -17.83 10.62
C GLN A 132 -11.93 -18.72 11.60
N ASP A 133 -12.58 -19.79 12.07
CA ASP A 133 -11.96 -20.72 13.02
C ASP A 133 -10.69 -21.35 12.48
N ILE A 134 -10.74 -21.82 11.24
CA ILE A 134 -9.66 -22.61 10.68
C ILE A 134 -8.58 -21.71 10.06
N ASN A 135 -8.97 -20.53 9.57
CA ASN A 135 -8.01 -19.65 8.90
C ASN A 135 -7.43 -18.52 9.76
N LEU A 136 -8.22 -17.94 10.65
CA LEU A 136 -7.73 -16.81 11.41
C LEU A 136 -7.40 -17.16 12.86
N LYS A 137 -8.35 -17.79 13.56
CA LYS A 137 -8.10 -18.22 14.94
C LYS A 137 -6.85 -19.11 14.99
N SER A 138 -6.72 -19.98 14.00
CA SER A 138 -5.57 -20.87 13.89
C SER A 138 -4.23 -20.14 13.87
N VAL A 139 -4.16 -18.97 13.22
CA VAL A 139 -2.89 -18.26 13.15
C VAL A 139 -2.60 -17.57 14.49
N TYR A 140 -3.65 -17.05 15.15
CA TYR A 140 -3.50 -16.57 16.52
C TYR A 140 -2.97 -17.70 17.42
N LEU A 141 -3.59 -18.88 17.38
CA LEU A 141 -3.14 -19.99 18.22
C LEU A 141 -1.70 -20.39 17.91
N SER A 142 -1.37 -20.43 16.62
CA SER A 142 -0.07 -20.93 16.18
C SER A 142 1.04 -19.95 16.52
N CYS A 143 0.77 -18.66 16.35
CA CYS A 143 1.75 -17.65 16.74
C CYS A 143 1.93 -17.63 18.24
N ARG A 144 0.84 -17.75 18.99
CA ARG A 144 0.95 -17.71 20.44
C ARG A 144 1.82 -18.88 20.91
N ALA A 145 1.61 -20.05 20.32
CA ALA A 145 2.38 -21.24 20.66
C ALA A 145 3.83 -21.15 20.22
N ALA A 146 4.08 -20.66 19.01
CA ALA A 146 5.45 -20.55 18.51
C ALA A 146 6.23 -19.57 19.37
N LEU A 147 5.58 -18.47 19.75
CA LEU A 147 6.26 -17.45 20.55
C LEU A 147 6.61 -17.93 21.96
N ARG A 148 5.80 -18.83 22.54
CA ARG A 148 6.13 -19.41 23.85
C ARG A 148 7.52 -20.04 23.85
N HIS A 149 7.94 -20.53 22.69
CA HIS A 149 9.23 -21.19 22.52
C HIS A 149 10.29 -20.24 22.01
N MET A 150 9.90 -19.35 21.09
CA MET A 150 10.87 -18.47 20.44
C MET A 150 11.34 -17.32 21.33
N VAL A 151 10.43 -16.78 22.14
CA VAL A 151 10.82 -15.67 23.00
C VAL A 151 11.94 -16.04 24.00
N PRO A 152 11.80 -17.16 24.75
CA PRO A 152 12.90 -17.51 25.66
C PRO A 152 14.19 -17.84 24.91
N ALA A 153 14.05 -18.38 23.70
CA ALA A 153 15.21 -18.75 22.91
C ALA A 153 15.88 -17.51 22.30
N GLY A 154 15.16 -16.40 22.29
CA GLY A 154 15.69 -15.15 21.76
C GLY A 154 15.86 -15.09 20.26
N LYS A 155 15.17 -15.98 19.56
CA LYS A 155 15.25 -16.01 18.09
C LYS A 155 14.13 -16.82 17.46
N GLY A 156 13.85 -16.54 16.19
CA GLY A 156 12.88 -17.31 15.45
C GLY A 156 12.35 -16.52 14.27
N SER A 157 11.79 -17.24 13.32
CA SER A 157 11.21 -16.64 12.14
C SER A 157 9.85 -17.27 11.91
N ILE A 158 8.82 -16.44 11.96
CA ILE A 158 7.45 -16.87 11.73
C ILE A 158 6.93 -16.37 10.40
N ILE A 159 6.41 -17.27 9.58
CA ILE A 159 5.79 -16.90 8.32
C ILE A 159 4.34 -17.35 8.39
N ASN A 160 3.42 -16.41 8.30
CA ASN A 160 1.99 -16.72 8.28
C ASN A 160 1.45 -16.62 6.87
N THR A 161 0.68 -17.61 6.44
CA THR A 161 0.09 -17.53 5.12
C THR A 161 -1.18 -16.70 5.14
N ALA A 162 -1.08 -15.50 4.57
CA ALA A 162 -2.26 -14.70 4.28
C ALA A 162 -2.69 -15.04 2.85
N SER A 163 -2.76 -14.02 2.00
CA SER A 163 -3.16 -14.18 0.59
C SER A 163 -3.06 -12.84 -0.11
N PHE A 164 -2.90 -12.88 -1.43
CA PHE A 164 -3.05 -11.63 -2.20
C PHE A 164 -4.45 -11.03 -2.01
N VAL A 165 -5.44 -11.84 -1.63
CA VAL A 165 -6.79 -11.26 -1.43
C VAL A 165 -6.86 -10.41 -0.16
N ALA A 166 -5.81 -10.42 0.65
CA ALA A 166 -5.74 -9.52 1.79
C ALA A 166 -5.47 -8.09 1.32
N VAL A 167 -4.99 -7.97 0.08
CA VAL A 167 -4.60 -6.69 -0.51
C VAL A 167 -5.48 -6.32 -1.69
N MET A 168 -6.04 -7.33 -2.37
CA MET A 168 -6.83 -7.12 -3.58
CA MET A 168 -6.83 -7.12 -3.58
C MET A 168 -8.19 -7.82 -3.47
N GLY A 169 -9.26 -7.10 -3.78
CA GLY A 169 -10.61 -7.67 -3.74
C GLY A 169 -11.08 -8.21 -5.07
N SER A 170 -12.00 -9.16 -5.04
CA SER A 170 -12.49 -9.79 -6.26
CA SER A 170 -12.48 -9.80 -6.26
C SER A 170 -14.00 -9.94 -6.27
N ALA A 171 -14.59 -9.79 -7.45
CA ALA A 171 -16.03 -9.94 -7.62
C ALA A 171 -16.43 -11.40 -7.43
N THR A 172 -15.48 -12.29 -7.70
CA THR A 172 -15.64 -13.72 -7.44
C THR A 172 -15.19 -14.00 -6.01
N SER A 173 -16.05 -13.61 -5.09
CA SER A 173 -15.74 -13.50 -3.67
C SER A 173 -15.99 -14.80 -2.88
N GLN A 174 -15.09 -15.08 -1.94
CA GLN A 174 -15.35 -16.00 -0.84
C GLN A 174 -15.15 -15.13 0.40
N ILE A 175 -16.24 -14.63 0.95
CA ILE A 175 -16.16 -13.45 1.81
C ILE A 175 -15.52 -13.73 3.17
N SER A 176 -15.76 -14.90 3.75
CA SER A 176 -15.09 -15.21 5.01
C SER A 176 -13.61 -15.49 4.78
N TYR A 177 -13.30 -16.20 3.72
CA TYR A 177 -11.90 -16.43 3.35
C TYR A 177 -11.15 -15.09 3.29
N THR A 178 -11.73 -14.15 2.55
CA THR A 178 -11.08 -12.86 2.37
C THR A 178 -10.88 -12.11 3.67
N ALA A 179 -11.92 -12.04 4.50
CA ALA A 179 -11.76 -11.45 5.82
C ALA A 179 -10.71 -12.15 6.66
N SER A 180 -10.67 -13.48 6.60
CA SER A 180 -9.73 -14.23 7.44
C SER A 180 -8.31 -13.85 7.07
N LYS A 181 -8.07 -13.71 5.77
CA LYS A 181 -6.71 -13.44 5.30
C LYS A 181 -6.33 -11.98 5.54
N GLY A 182 -7.30 -11.07 5.49
CA GLY A 182 -7.06 -9.71 5.94
C GLY A 182 -6.68 -9.68 7.40
N GLY A 183 -7.36 -10.49 8.20
CA GLY A 183 -7.01 -10.60 9.61
C GLY A 183 -5.61 -11.14 9.83
N VAL A 184 -5.25 -12.18 9.07
CA VAL A 184 -3.91 -12.76 9.17
C VAL A 184 -2.83 -11.72 8.81
N LEU A 185 -3.07 -10.96 7.75
CA LEU A 185 -2.12 -9.93 7.36
C LEU A 185 -1.90 -8.89 8.47
N ALA A 186 -2.98 -8.34 9.02
CA ALA A 186 -2.80 -7.26 10.00
C ALA A 186 -2.16 -7.78 11.27
N MET A 187 -2.54 -8.98 11.70
CA MET A 187 -1.94 -9.60 12.88
C MET A 187 -0.44 -9.88 12.67
N SER A 188 -0.08 -10.35 11.48
CA SER A 188 1.33 -10.65 11.14
C SER A 188 2.19 -9.40 11.22
N ARG A 189 1.67 -8.33 10.63
CA ARG A 189 2.35 -7.06 10.62
C ARG A 189 2.59 -6.57 12.05
N GLU A 190 1.55 -6.60 12.88
CA GLU A 190 1.69 -6.15 14.25
C GLU A 190 2.68 -6.99 15.06
N LEU A 191 2.59 -8.31 14.93
CA LEU A 191 3.51 -9.19 15.63
C LEU A 191 4.95 -8.90 15.20
N GLY A 192 5.14 -8.67 13.92
CA GLY A 192 6.47 -8.37 13.39
C GLY A 192 7.04 -7.09 13.98
N VAL A 193 6.19 -6.07 14.10
CA VAL A 193 6.63 -4.82 14.71
C VAL A 193 6.92 -5.03 16.19
N GLN A 194 6.01 -5.72 16.88
CA GLN A 194 6.09 -5.91 18.33
C GLN A 194 7.37 -6.63 18.78
N TYR A 195 7.77 -7.66 18.03
CA TYR A 195 8.84 -8.54 18.48
C TYR A 195 10.18 -8.24 17.81
N ALA A 196 10.26 -7.08 17.16
CA ALA A 196 11.41 -6.77 16.31
C ALA A 196 12.70 -6.56 17.10
N ARG A 197 12.59 -6.33 18.40
CA ARG A 197 13.79 -6.14 19.21
C ARG A 197 13.95 -7.29 20.20
N GLN A 198 13.34 -8.43 19.88
CA GLN A 198 13.45 -9.62 20.70
C GLN A 198 14.00 -10.81 19.90
N GLY A 199 14.65 -10.51 18.78
CA GLY A 199 15.32 -11.52 18.01
C GLY A 199 14.45 -12.33 17.07
N ILE A 200 13.19 -11.90 16.94
CA ILE A 200 12.18 -12.66 16.21
C ILE A 200 11.68 -11.82 15.04
N ARG A 201 11.42 -12.45 13.90
CA ARG A 201 10.78 -11.77 12.78
C ARG A 201 9.46 -12.47 12.45
N VAL A 202 8.46 -11.68 12.07
CA VAL A 202 7.17 -12.23 11.70
C VAL A 202 6.74 -11.56 10.40
N ASN A 203 6.41 -12.37 9.40
CA ASN A 203 6.06 -11.86 8.09
C ASN A 203 4.87 -12.59 7.53
N ALA A 204 4.09 -11.92 6.70
CA ALA A 204 2.93 -12.51 6.04
C ALA A 204 3.23 -12.88 4.60
N LEU A 205 3.24 -14.17 4.31
CA LEU A 205 3.32 -14.62 2.93
C LEU A 205 1.98 -14.37 2.26
N CYS A 206 1.99 -13.64 1.14
CA CYS A 206 0.75 -13.34 0.41
C CYS A 206 0.81 -13.90 -0.99
N PRO A 207 0.49 -15.20 -1.14
CA PRO A 207 0.55 -15.80 -2.47
C PRO A 207 -0.56 -15.31 -3.39
N GLY A 208 -0.26 -15.20 -4.68
CA GLY A 208 -1.31 -15.14 -5.70
C GLY A 208 -1.91 -16.52 -5.83
N PRO A 209 -2.82 -16.70 -6.79
CA PRO A 209 -3.41 -18.02 -7.01
C PRO A 209 -2.35 -19.05 -7.35
N VAL A 210 -2.49 -20.25 -6.79
CA VAL A 210 -1.51 -21.30 -6.96
C VAL A 210 -2.10 -22.41 -7.82
N ASN A 211 -1.27 -22.95 -8.71
CA ASN A 211 -1.71 -23.98 -9.65
C ASN A 211 -1.80 -25.34 -8.98
N THR A 212 -2.70 -26.17 -9.51
CA THR A 212 -2.79 -27.57 -9.15
C THR A 212 -3.05 -28.35 -10.43
N PRO A 213 -2.81 -29.67 -10.41
CA PRO A 213 -3.21 -30.46 -11.58
C PRO A 213 -4.70 -30.31 -11.91
N LEU A 214 -5.53 -30.22 -10.87
CA LEU A 214 -6.97 -30.05 -11.06
C LEU A 214 -7.29 -28.73 -11.76
N LEU A 215 -6.62 -27.66 -11.33
CA LEU A 215 -6.88 -26.34 -11.90
C LEU A 215 -6.41 -26.24 -13.34
N GLN A 216 -5.31 -26.93 -13.65
CA GLN A 216 -4.76 -26.88 -15.01
C GLN A 216 -5.71 -27.56 -15.98
N GLU A 217 -6.35 -28.64 -15.53
CA GLU A 217 -7.33 -29.34 -16.34
C GLU A 217 -8.62 -28.54 -16.46
N LEU A 218 -9.03 -27.89 -15.37
CA LEU A 218 -10.24 -27.10 -15.35
C LEU A 218 -10.15 -25.90 -16.28
N PHE A 219 -8.98 -25.25 -16.30
CA PHE A 219 -8.77 -24.07 -17.12
C PHE A 219 -8.67 -24.44 -18.61
N ALA A 220 -8.14 -25.63 -18.89
CA ALA A 220 -8.02 -26.09 -20.26
C ALA A 220 -9.40 -26.32 -20.88
N LYS A 221 -10.30 -26.90 -20.10
CA LYS A 221 -11.66 -27.18 -20.55
C LYS A 221 -12.50 -25.91 -20.66
N ASP A 222 -12.18 -24.94 -19.81
CA ASP A 222 -12.97 -23.73 -19.68
C ASP A 222 -12.11 -22.49 -19.89
N PRO A 223 -11.73 -22.20 -21.14
CA PRO A 223 -10.88 -21.04 -21.44
C PRO A 223 -11.50 -19.73 -20.96
N GLU A 224 -12.83 -19.64 -20.99
CA GLU A 224 -13.54 -18.44 -20.57
C GLU A 224 -13.31 -18.10 -19.10
N ARG A 225 -13.56 -19.07 -18.22
CA ARG A 225 -13.31 -18.89 -16.80
C ARG A 225 -11.84 -18.58 -16.56
N ALA A 226 -10.98 -19.18 -17.38
CA ALA A 226 -9.54 -18.99 -17.25
C ALA A 226 -9.12 -17.56 -17.55
N ALA A 227 -9.52 -17.05 -18.72
CA ALA A 227 -9.10 -15.73 -19.17
C ALA A 227 -9.64 -14.62 -18.26
N ARG A 228 -10.77 -14.89 -17.61
CA ARG A 228 -11.35 -13.92 -16.70
C ARG A 228 -10.44 -13.64 -15.51
N ARG A 229 -9.64 -14.64 -15.15
CA ARG A 229 -8.66 -14.48 -14.09
C ARG A 229 -7.28 -14.08 -14.63
N LEU A 230 -6.85 -14.75 -15.69
CA LEU A 230 -5.49 -14.56 -16.20
C LEU A 230 -5.24 -13.15 -16.74
N VAL A 231 -6.30 -12.47 -17.17
CA VAL A 231 -6.16 -11.12 -17.69
C VAL A 231 -5.69 -10.15 -16.59
N HIS A 232 -5.78 -10.56 -15.33
CA HIS A 232 -5.32 -9.71 -14.21
C HIS A 232 -4.00 -10.19 -13.64
N ILE A 233 -3.39 -11.17 -14.28
CA ILE A 233 -2.09 -11.66 -13.83
C ILE A 233 -1.04 -11.36 -14.87
N PRO A 234 -0.15 -10.40 -14.58
CA PRO A 234 0.89 -10.05 -15.55
C PRO A 234 1.67 -11.26 -16.04
N LEU A 235 2.09 -12.16 -15.17
CA LEU A 235 2.86 -13.33 -15.61
C LEU A 235 2.04 -14.32 -16.45
N GLY A 236 0.72 -14.20 -16.42
CA GLY A 236 -0.12 -14.98 -17.35
C GLY A 236 -0.44 -16.40 -16.93
N ARG A 237 -0.14 -16.72 -15.67
CA ARG A 237 -0.32 -18.08 -15.16
C ARG A 237 -0.46 -18.03 -13.65
N PHE A 238 -0.97 -19.11 -13.06
CA PHE A 238 -0.97 -19.24 -11.60
C PHE A 238 0.43 -19.61 -11.11
N ALA A 239 0.69 -19.41 -9.82
CA ALA A 239 1.98 -19.81 -9.26
C ALA A 239 2.11 -21.33 -9.13
N GLU A 240 3.34 -21.80 -9.20
CA GLU A 240 3.60 -23.18 -8.78
C GLU A 240 3.96 -23.15 -7.29
N PRO A 241 3.55 -24.18 -6.54
CA PRO A 241 3.79 -24.18 -5.09
C PRO A 241 5.28 -24.06 -4.73
N GLU A 242 6.16 -24.57 -5.59
CA GLU A 242 7.60 -24.43 -5.39
C GLU A 242 8.04 -22.96 -5.37
N GLU A 243 7.32 -22.10 -6.08
CA GLU A 243 7.66 -20.67 -6.10
C GLU A 243 7.37 -20.02 -4.76
N LEU A 244 6.29 -20.46 -4.09
CA LEU A 244 6.00 -19.97 -2.75
C LEU A 244 6.97 -20.56 -1.74
N ALA A 245 7.35 -21.83 -1.94
CA ALA A 245 8.36 -22.49 -1.10
C ALA A 245 9.65 -21.70 -1.07
N ALA A 246 10.08 -21.19 -2.23
CA ALA A 246 11.31 -20.43 -2.32
C ALA A 246 11.23 -19.13 -1.53
N ALA A 247 10.04 -18.52 -1.50
CA ALA A 247 9.85 -17.29 -0.74
C ALA A 247 9.89 -17.57 0.77
N VAL A 248 9.24 -18.65 1.19
CA VAL A 248 9.27 -19.00 2.61
C VAL A 248 10.70 -19.33 3.08
N ALA A 249 11.48 -20.03 2.24
CA ALA A 249 12.86 -20.33 2.61
C ALA A 249 13.67 -19.05 2.81
N PHE A 250 13.48 -18.09 1.90
CA PHE A 250 14.08 -16.77 2.05
C PHE A 250 13.68 -16.12 3.38
N LEU A 251 12.39 -16.05 3.65
CA LEU A 251 11.88 -15.38 4.86
C LEU A 251 12.34 -16.07 6.14
N ALA A 252 12.48 -17.40 6.08
CA ALA A 252 12.92 -18.18 7.23
C ALA A 252 14.40 -17.99 7.54
N SER A 253 15.17 -17.64 6.51
CA SER A 253 16.62 -17.58 6.58
C SER A 253 17.15 -16.23 7.01
N ASP A 254 18.45 -16.20 7.31
CA ASP A 254 19.12 -14.95 7.68
C ASP A 254 19.25 -13.99 6.49
N ASP A 255 18.88 -14.46 5.30
CA ASP A 255 18.87 -13.60 4.12
C ASP A 255 17.76 -12.56 4.23
N ALA A 256 16.84 -12.81 5.15
CA ALA A 256 15.73 -11.89 5.36
C ALA A 256 15.83 -11.23 6.74
N SER A 257 17.04 -11.14 7.26
CA SER A 257 17.27 -10.58 8.59
C SER A 257 16.78 -9.13 8.79
N PHE A 258 16.65 -8.35 7.71
CA PHE A 258 16.12 -6.98 7.86
C PHE A 258 14.68 -6.86 7.37
N ILE A 259 13.99 -8.00 7.26
CA ILE A 259 12.60 -8.01 6.81
C ILE A 259 11.71 -8.55 7.91
N THR A 260 10.88 -7.67 8.44
CA THR A 260 9.88 -8.08 9.42
C THR A 260 8.63 -7.23 9.24
N GLY A 261 7.48 -7.81 9.59
CA GLY A 261 6.20 -7.16 9.42
C GLY A 261 5.78 -6.97 7.98
N SER A 262 6.34 -7.79 7.08
CA SER A 262 6.16 -7.57 5.66
C SER A 262 4.86 -8.13 5.10
N THR A 263 4.27 -7.36 4.20
CA THR A 263 3.24 -7.84 3.29
C THR A 263 3.98 -8.45 2.11
N PHE A 264 4.37 -9.72 2.25
CA PHE A 264 5.31 -10.31 1.31
C PHE A 264 4.53 -10.92 0.13
N LEU A 265 4.36 -10.13 -0.92
CA LEU A 265 3.53 -10.52 -2.05
C LEU A 265 4.31 -11.34 -3.08
N VAL A 266 3.80 -12.54 -3.35
CA VAL A 266 4.36 -13.40 -4.37
C VAL A 266 3.20 -13.72 -5.30
N ASP A 267 2.89 -12.78 -6.18
CA ASP A 267 1.59 -12.79 -6.85
C ASP A 267 1.63 -12.52 -8.35
N GLY A 268 2.81 -12.72 -8.95
CA GLY A 268 2.93 -12.61 -10.40
C GLY A 268 2.57 -11.23 -10.94
N GLY A 269 2.62 -10.24 -10.06
CA GLY A 269 2.32 -8.87 -10.43
C GLY A 269 0.88 -8.44 -10.27
N ILE A 270 0.03 -9.30 -9.70
CA ILE A 270 -1.39 -8.96 -9.57
C ILE A 270 -1.64 -7.63 -8.85
N SER A 271 -1.03 -7.45 -7.68
CA SER A 271 -1.33 -6.27 -6.87
C SER A 271 -0.77 -4.99 -7.49
N SER A 272 0.01 -5.14 -8.56
CA SER A 272 0.72 -4.01 -9.15
C SER A 272 0.18 -3.56 -10.49
N ALA A 273 -0.86 -4.25 -10.99
CA ALA A 273 -1.18 -4.15 -12.41
C ALA A 273 -2.55 -3.62 -12.75
N TYR A 274 -2.56 -2.69 -13.70
CA TYR A 274 -3.76 -2.25 -14.40
C TYR A 274 -3.86 -3.10 -15.68
N VAL A 275 -3.64 -2.51 -16.86
CA VAL A 275 -3.70 -3.27 -18.11
C VAL A 275 -2.53 -4.24 -18.15
N THR A 276 -2.81 -5.50 -18.50
CA THR A 276 -1.78 -6.54 -18.55
C THR A 276 -1.28 -6.73 -19.99
N PRO A 277 -0.07 -7.29 -20.14
CA PRO A 277 0.43 -7.51 -21.50
C PRO A 277 -0.28 -8.68 -22.17
N LEU A 278 -0.20 -8.75 -23.49
CA LEU A 278 -0.85 -9.81 -24.25
C LEU A 278 -0.12 -11.13 -24.06
N THR B 25 -26.56 23.79 1.41
CA THR B 25 -26.80 22.65 2.28
C THR B 25 -27.39 21.45 1.55
N GLN B 26 -27.79 20.44 2.33
CA GLN B 26 -28.60 19.34 1.84
C GLN B 26 -27.90 18.40 0.87
N ARG B 27 -26.61 18.16 1.07
CA ARG B 27 -25.89 17.19 0.25
C ARG B 27 -26.50 15.79 0.42
N LEU B 28 -27.11 15.55 1.58
CA LEU B 28 -27.68 14.25 1.90
C LEU B 28 -29.19 14.36 2.12
N ALA B 29 -29.80 15.39 1.53
CA ALA B 29 -31.22 15.63 1.71
C ALA B 29 -32.06 14.42 1.34
N GLY B 30 -32.96 14.03 2.25
CA GLY B 30 -33.85 12.91 2.02
C GLY B 30 -33.25 11.52 2.27
N LYS B 31 -31.94 11.45 2.36
CA LYS B 31 -31.28 10.14 2.50
C LYS B 31 -31.49 9.52 3.89
N VAL B 32 -31.63 8.20 3.92
CA VAL B 32 -31.77 7.46 5.18
C VAL B 32 -30.45 6.79 5.51
N ALA B 33 -29.91 7.08 6.69
CA ALA B 33 -28.62 6.52 7.11
C ALA B 33 -28.76 5.68 8.37
N VAL B 34 -28.30 4.43 8.30
CA VAL B 34 -28.24 3.56 9.46
C VAL B 34 -26.83 3.62 10.03
N ILE B 35 -26.72 3.96 11.30
CA ILE B 35 -25.42 3.99 11.96
C ILE B 35 -25.40 3.05 13.13
N THR B 36 -24.53 2.05 13.09
CA THR B 36 -24.36 1.21 14.29
C THR B 36 -23.31 1.86 15.19
N GLY B 37 -23.47 1.68 16.48
CA GLY B 37 -22.65 2.39 17.45
C GLY B 37 -22.91 3.87 17.38
N GLY B 38 -24.12 4.23 16.98
CA GLY B 38 -24.46 5.61 16.73
C GLY B 38 -24.67 6.47 17.96
N ALA B 39 -24.58 5.89 19.15
CA ALA B 39 -24.88 6.64 20.38
C ALA B 39 -23.66 7.26 21.03
N SER B 40 -22.48 6.97 20.47
CA SER B 40 -21.17 7.32 21.07
CA SER B 40 -21.24 7.47 21.06
C SER B 40 -20.15 7.70 20.02
N GLY B 41 -19.12 8.43 20.44
CA GLY B 41 -17.92 8.63 19.64
C GLY B 41 -18.10 9.03 18.20
N ILE B 42 -17.40 8.35 17.30
CA ILE B 42 -17.46 8.61 15.85
CA ILE B 42 -17.50 8.77 15.90
C ILE B 42 -18.88 8.43 15.32
N GLY B 43 -19.57 7.43 15.86
CA GLY B 43 -20.92 7.12 15.43
C GLY B 43 -21.84 8.30 15.68
N LEU B 44 -21.71 8.90 16.86
CA LEU B 44 -22.57 10.02 17.26
C LEU B 44 -22.20 11.26 16.48
N ALA B 45 -20.90 11.55 16.36
CA ALA B 45 -20.46 12.70 15.59
C ALA B 45 -20.92 12.59 14.15
N THR B 46 -20.90 11.36 13.61
CA THR B 46 -21.31 11.15 12.23
C THR B 46 -22.82 11.37 12.09
N GLY B 47 -23.59 10.90 13.07
CA GLY B 47 -25.04 11.12 13.08
C GLY B 47 -25.35 12.60 12.96
N ARG B 48 -24.68 13.40 13.78
CA ARG B 48 -24.87 14.85 13.76
C ARG B 48 -24.52 15.46 12.40
N ARG B 49 -23.42 15.01 11.81
CA ARG B 49 -22.99 15.59 10.54
C ARG B 49 -23.94 15.20 9.39
N LEU B 50 -24.32 13.93 9.33
CA LEU B 50 -25.25 13.52 8.28
C LEU B 50 -26.60 14.24 8.44
N ARG B 51 -27.07 14.39 9.67
CA ARG B 51 -28.31 15.13 9.93
C ARG B 51 -28.17 16.57 9.45
N ALA B 52 -26.98 17.14 9.62
CA ALA B 52 -26.77 18.53 9.23
C ALA B 52 -26.79 18.69 7.71
N GLU B 53 -26.59 17.59 6.99
CA GLU B 53 -26.64 17.62 5.54
C GLU B 53 -27.98 17.11 5.02
N GLY B 54 -28.93 16.91 5.93
CA GLY B 54 -30.29 16.59 5.52
C GLY B 54 -30.72 15.14 5.69
N ALA B 55 -29.83 14.28 6.17
CA ALA B 55 -30.16 12.87 6.33
C ALA B 55 -31.13 12.58 7.48
N THR B 56 -31.90 11.52 7.32
CA THR B 56 -32.64 10.89 8.41
C THR B 56 -31.75 9.79 8.99
N VAL B 57 -31.51 9.84 10.30
CA VAL B 57 -30.58 8.91 10.94
C VAL B 57 -31.30 7.88 11.79
N VAL B 58 -31.00 6.61 11.53
CA VAL B 58 -31.44 5.49 12.36
C VAL B 58 -30.25 5.09 13.22
N VAL B 59 -30.38 5.31 14.52
CA VAL B 59 -29.30 5.01 15.46
C VAL B 59 -29.45 3.58 15.98
N GLY B 60 -28.53 2.71 15.61
CA GLY B 60 -28.53 1.35 16.15
C GLY B 60 -27.47 1.28 17.23
N ASP B 61 -27.88 0.93 18.45
CA ASP B 61 -26.92 0.83 19.53
C ASP B 61 -27.37 -0.17 20.56
N ILE B 62 -26.40 -0.73 21.29
CA ILE B 62 -26.65 -1.68 22.36
C ILE B 62 -27.16 -0.94 23.61
N ASP B 63 -26.82 0.34 23.71
CA ASP B 63 -27.18 1.15 24.87
C ASP B 63 -28.45 1.94 24.60
N PRO B 64 -29.55 1.60 25.30
CA PRO B 64 -30.84 2.25 25.01
C PRO B 64 -30.92 3.67 25.56
N THR B 65 -30.12 3.99 26.57
CA THR B 65 -30.18 5.28 27.20
C THR B 65 -29.51 6.30 26.30
N THR B 66 -28.25 6.07 25.96
CA THR B 66 -27.56 6.94 25.04
C THR B 66 -28.15 6.83 23.65
N GLY B 67 -28.64 5.64 23.31
CA GLY B 67 -29.24 5.43 22.00
C GLY B 67 -30.47 6.28 21.80
N LYS B 68 -31.38 6.27 22.76
CA LYS B 68 -32.57 7.10 22.65
C LYS B 68 -32.20 8.57 22.63
N ALA B 69 -31.21 8.97 23.42
CA ALA B 69 -30.83 10.37 23.50
C ALA B 69 -30.25 10.86 22.18
N ALA B 70 -29.48 10.00 21.52
CA ALA B 70 -28.89 10.36 20.23
C ALA B 70 -29.99 10.51 19.19
N ALA B 71 -30.87 9.53 19.11
CA ALA B 71 -31.97 9.59 18.14
C ALA B 71 -32.87 10.82 18.38
N ASP B 72 -33.08 11.17 19.64
CA ASP B 72 -33.92 12.31 19.96
C ASP B 72 -33.26 13.61 19.47
N GLU B 73 -31.95 13.72 19.70
CA GLU B 73 -31.19 14.89 19.27
C GLU B 73 -31.19 15.06 17.75
N LEU B 74 -31.13 13.93 17.04
CA LEU B 74 -31.03 13.91 15.58
C LEU B 74 -32.38 13.91 14.90
N GLU B 75 -33.46 13.92 15.69
CA GLU B 75 -34.82 13.78 15.17
C GLU B 75 -34.93 12.53 14.31
N GLY B 76 -34.30 11.46 14.77
CA GLY B 76 -34.25 10.21 14.04
C GLY B 76 -34.96 9.08 14.76
N LEU B 77 -34.49 7.85 14.50
CA LEU B 77 -35.09 6.67 15.10
C LEU B 77 -34.03 5.86 15.84
N PHE B 78 -34.34 5.46 17.08
CA PHE B 78 -33.47 4.55 17.80
C PHE B 78 -33.98 3.12 17.70
N VAL B 79 -33.07 2.22 17.35
CA VAL B 79 -33.36 0.78 17.26
C VAL B 79 -32.33 0.01 18.03
N PRO B 80 -32.74 -0.70 19.09
CA PRO B 80 -31.78 -1.57 19.80
C PRO B 80 -31.15 -2.59 18.89
N VAL B 81 -29.85 -2.83 19.08
CA VAL B 81 -29.18 -3.86 18.32
C VAL B 81 -27.96 -4.37 19.07
N ASP B 82 -27.70 -5.67 18.93
CA ASP B 82 -26.41 -6.26 19.27
C ASP B 82 -25.82 -6.68 17.94
N VAL B 83 -24.75 -6.00 17.54
CA VAL B 83 -24.25 -6.19 16.18
C VAL B 83 -23.59 -7.56 15.98
N SER B 84 -23.43 -8.34 17.05
CA SER B 84 -22.87 -9.70 16.93
C SER B 84 -23.95 -10.75 16.65
N GLU B 85 -25.22 -10.33 16.60
CA GLU B 85 -26.31 -11.30 16.41
C GLU B 85 -27.07 -11.07 15.11
N GLN B 86 -27.19 -12.12 14.31
CA GLN B 86 -27.83 -12.05 13.00
C GLN B 86 -29.26 -11.51 13.05
N GLU B 87 -30.05 -12.01 13.99
CA GLU B 87 -31.43 -11.56 14.10
C GLU B 87 -31.49 -10.06 14.38
N ALA B 88 -30.58 -9.57 15.20
CA ALA B 88 -30.63 -8.16 15.60
C ALA B 88 -30.18 -7.25 14.49
N VAL B 89 -29.12 -7.64 13.79
CA VAL B 89 -28.64 -6.84 12.68
C VAL B 89 -29.68 -6.81 11.58
N ASP B 90 -30.27 -7.96 11.27
CA ASP B 90 -31.31 -8.01 10.26
C ASP B 90 -32.50 -7.14 10.66
N ASN B 91 -32.89 -7.18 11.94
CA ASN B 91 -34.00 -6.37 12.42
C ASN B 91 -33.69 -4.88 12.33
N LEU B 92 -32.43 -4.50 12.56
CA LEU B 92 -32.06 -3.09 12.49
C LEU B 92 -32.31 -2.54 11.09
N PHE B 93 -31.78 -3.22 10.07
CA PHE B 93 -31.93 -2.73 8.72
C PHE B 93 -33.38 -2.90 8.21
N ASP B 94 -34.01 -4.02 8.55
CA ASP B 94 -35.42 -4.23 8.19
C ASP B 94 -36.32 -3.12 8.78
N THR B 95 -36.04 -2.72 10.01
CA THR B 95 -36.84 -1.72 10.68
C THR B 95 -36.61 -0.34 10.05
N ALA B 96 -35.36 -0.03 9.73
CA ALA B 96 -35.07 1.23 9.07
C ALA B 96 -35.79 1.31 7.72
N ALA B 97 -35.75 0.21 6.97
CA ALA B 97 -36.37 0.19 5.65
C ALA B 97 -37.90 0.22 5.72
N SER B 98 -38.49 -0.52 6.66
CA SER B 98 -39.95 -0.55 6.76
C SER B 98 -40.48 0.79 7.27
N THR B 99 -39.68 1.47 8.08
CA THR B 99 -40.06 2.78 8.63
C THR B 99 -39.92 3.91 7.61
N PHE B 100 -38.81 3.92 6.87
CA PHE B 100 -38.49 5.04 5.99
C PHE B 100 -38.46 4.67 4.51
N GLY B 101 -38.70 3.41 4.19
CA GLY B 101 -38.82 3.00 2.80
C GLY B 101 -37.55 2.51 2.13
N ARG B 102 -36.41 2.88 2.69
CA ARG B 102 -35.13 2.61 2.06
C ARG B 102 -33.98 2.76 3.03
N VAL B 103 -32.82 2.21 2.66
CA VAL B 103 -31.58 2.47 3.38
C VAL B 103 -30.56 2.96 2.35
N ASP B 104 -30.26 4.26 2.38
CA ASP B 104 -29.33 4.84 1.41
C ASP B 104 -27.88 4.66 1.81
N ILE B 105 -27.64 4.75 3.12
CA ILE B 105 -26.31 4.81 3.71
C ILE B 105 -26.23 3.85 4.88
N ALA B 106 -25.18 3.04 4.93
CA ALA B 106 -24.93 2.21 6.09
C ALA B 106 -23.55 2.53 6.61
N PHE B 107 -23.49 3.03 7.84
CA PHE B 107 -22.22 3.26 8.53
C PHE B 107 -22.09 2.14 9.55
N ASN B 108 -21.35 1.10 9.17
CA ASN B 108 -21.23 -0.10 9.99
C ASN B 108 -20.02 0.08 10.88
N ASN B 109 -20.27 0.63 12.06
CA ASN B 109 -19.27 1.33 12.84
C ASN B 109 -19.05 0.80 14.25
N ALA B 110 -20.04 0.09 14.78
CA ALA B 110 -19.92 -0.43 16.14
C ALA B 110 -18.70 -1.34 16.29
N GLY B 111 -17.98 -1.18 17.40
CA GLY B 111 -16.82 -2.01 17.68
C GLY B 111 -16.37 -1.83 19.11
N ILE B 112 -15.52 -2.75 19.59
CA ILE B 112 -14.98 -2.67 20.94
C ILE B 112 -13.47 -2.84 20.97
N SER B 113 -12.87 -2.43 22.07
CA SER B 113 -11.44 -2.66 22.29
C SER B 113 -11.17 -2.92 23.77
N PRO B 114 -11.68 -4.04 24.30
CA PRO B 114 -11.61 -4.35 25.74
C PRO B 114 -10.19 -4.65 26.22
N PRO B 115 -9.91 -4.36 27.50
CA PRO B 115 -8.54 -4.56 27.99
C PRO B 115 -8.09 -6.03 28.03
N GLU B 116 -9.03 -6.98 28.03
CA GLU B 116 -8.64 -8.39 28.08
C GLU B 116 -8.03 -8.85 26.75
N ASP B 117 -8.28 -8.08 25.70
CA ASP B 117 -7.59 -8.28 24.43
C ASP B 117 -6.37 -7.37 24.41
N ASP B 118 -5.18 -7.97 24.48
CA ASP B 118 -3.96 -7.20 24.67
C ASP B 118 -2.82 -7.83 23.87
N LEU B 119 -1.64 -7.94 24.48
CA LEU B 119 -0.52 -8.61 23.82
C LEU B 119 -0.87 -10.08 23.64
N ILE B 120 -0.41 -10.68 22.54
CA ILE B 120 -0.85 -12.03 22.20
C ILE B 120 -0.48 -13.02 23.30
N GLU B 121 0.65 -12.79 23.98
CA GLU B 121 1.10 -13.69 25.03
C GLU B 121 0.07 -13.83 26.14
N ASN B 122 -0.65 -12.76 26.44
CA ASN B 122 -1.60 -12.84 27.56
CA ASN B 122 -1.59 -12.72 27.56
C ASN B 122 -3.06 -12.76 27.15
N THR B 123 -3.32 -12.84 25.85
CA THR B 123 -4.68 -12.81 25.36
C THR B 123 -5.25 -14.21 25.16
N ASP B 124 -6.25 -14.54 25.96
CA ASP B 124 -6.83 -15.87 25.93
C ASP B 124 -8.01 -15.93 24.96
N LEU B 125 -8.52 -17.14 24.73
CA LEU B 125 -9.51 -17.34 23.69
C LEU B 125 -10.85 -16.61 23.90
N PRO B 126 -11.38 -16.56 25.14
CA PRO B 126 -12.63 -15.81 25.31
C PRO B 126 -12.54 -14.37 24.81
N ALA B 127 -11.48 -13.66 25.21
CA ALA B 127 -11.27 -12.30 24.72
C ALA B 127 -11.02 -12.24 23.22
N TRP B 128 -10.20 -13.17 22.70
CA TRP B 128 -9.95 -13.19 21.26
C TRP B 128 -11.29 -13.27 20.51
N GLN B 129 -12.10 -14.24 20.91
CA GLN B 129 -13.33 -14.52 20.18
C GLN B 129 -14.39 -13.42 20.36
N ARG B 130 -14.46 -12.84 21.55
CA ARG B 130 -15.44 -11.79 21.79
C ARG B 130 -15.18 -10.63 20.85
N VAL B 131 -13.90 -10.30 20.67
CA VAL B 131 -13.56 -9.15 19.85
C VAL B 131 -13.84 -9.46 18.38
N GLN B 132 -13.56 -10.69 17.93
CA GLN B 132 -13.93 -11.07 16.56
C GLN B 132 -15.45 -11.01 16.36
N ASP B 133 -16.21 -11.47 17.34
CA ASP B 133 -17.67 -11.47 17.23
C ASP B 133 -18.23 -10.07 17.06
N ILE B 134 -17.74 -9.16 17.90
CA ILE B 134 -18.27 -7.80 17.93
C ILE B 134 -17.70 -6.92 16.80
N ASN B 135 -16.46 -7.16 16.38
CA ASN B 135 -15.81 -6.24 15.42
C ASN B 135 -15.81 -6.71 13.98
N LEU B 136 -15.73 -8.03 13.75
CA LEU B 136 -15.59 -8.53 12.39
C LEU B 136 -16.85 -9.23 11.92
N LYS B 137 -17.35 -10.18 12.71
CA LYS B 137 -18.61 -10.84 12.37
C LYS B 137 -19.73 -9.82 12.14
N SER B 138 -19.73 -8.79 12.98
CA SER B 138 -20.71 -7.72 12.92
C SER B 138 -20.72 -7.02 11.56
N VAL B 139 -19.55 -6.85 10.94
CA VAL B 139 -19.48 -6.15 9.67
C VAL B 139 -19.97 -7.06 8.54
N TYR B 140 -19.67 -8.35 8.64
CA TYR B 140 -20.26 -9.32 7.73
C TYR B 140 -21.80 -9.28 7.85
N LEU B 141 -22.32 -9.33 9.07
CA LEU B 141 -23.77 -9.29 9.24
C LEU B 141 -24.39 -8.01 8.72
N SER B 142 -23.77 -6.89 9.03
CA SER B 142 -24.29 -5.57 8.67
C SER B 142 -24.24 -5.34 7.17
N CYS B 143 -23.16 -5.77 6.52
CA CYS B 143 -23.11 -5.63 5.07
C CYS B 143 -24.11 -6.54 4.40
N ARG B 144 -24.24 -7.78 4.90
CA ARG B 144 -25.19 -8.71 4.30
C ARG B 144 -26.60 -8.11 4.37
N ALA B 145 -26.94 -7.52 5.51
CA ALA B 145 -28.29 -6.97 5.70
C ALA B 145 -28.50 -5.68 4.89
N ALA B 146 -27.50 -4.81 4.88
CA ALA B 146 -27.58 -3.58 4.08
C ALA B 146 -27.77 -3.90 2.59
N LEU B 147 -26.98 -4.85 2.09
CA LEU B 147 -27.04 -5.22 0.67
C LEU B 147 -28.39 -5.83 0.31
N ARG B 148 -29.00 -6.58 1.24
CA ARG B 148 -30.33 -7.14 1.01
C ARG B 148 -31.29 -6.04 0.57
N HIS B 149 -31.15 -4.87 1.17
CA HIS B 149 -32.03 -3.76 0.88
C HIS B 149 -31.55 -2.89 -0.28
N MET B 150 -30.24 -2.67 -0.35
CA MET B 150 -29.67 -1.77 -1.34
C MET B 150 -29.64 -2.36 -2.75
N VAL B 151 -29.39 -3.66 -2.87
CA VAL B 151 -29.27 -4.25 -4.20
C VAL B 151 -30.56 -4.10 -5.03
N PRO B 152 -31.74 -4.41 -4.46
CA PRO B 152 -32.92 -4.17 -5.31
C PRO B 152 -33.16 -2.69 -5.64
N ALA B 153 -32.65 -1.78 -4.80
CA ALA B 153 -32.83 -0.34 -5.03
C ALA B 153 -31.84 0.20 -6.07
N GLY B 154 -30.78 -0.56 -6.32
CA GLY B 154 -29.79 -0.18 -7.29
C GLY B 154 -28.88 0.96 -6.84
N LYS B 155 -28.88 1.26 -5.55
CA LYS B 155 -28.01 2.30 -5.03
C LYS B 155 -27.78 2.15 -3.54
N GLY B 156 -26.64 2.65 -3.09
CA GLY B 156 -26.32 2.60 -1.67
C GLY B 156 -24.86 2.95 -1.46
N SER B 157 -24.56 3.46 -0.26
CA SER B 157 -23.19 3.69 0.12
C SER B 157 -22.95 3.05 1.47
N ILE B 158 -21.98 2.12 1.53
CA ILE B 158 -21.64 1.43 2.77
C ILE B 158 -20.26 1.86 3.21
N ILE B 159 -20.18 2.38 4.43
CA ILE B 159 -18.91 2.70 5.05
C ILE B 159 -18.68 1.78 6.25
N ASN B 160 -17.64 0.95 6.20
CA ASN B 160 -17.30 0.08 7.33
C ASN B 160 -16.17 0.69 8.11
N THR B 161 -16.29 0.73 9.43
CA THR B 161 -15.18 1.27 10.22
C THR B 161 -14.13 0.22 10.46
N ALA B 162 -13.00 0.37 9.79
CA ALA B 162 -11.83 -0.44 10.09
C ALA B 162 -10.99 0.30 11.12
N SER B 163 -9.73 0.57 10.77
CA SER B 163 -8.80 1.30 11.63
C SER B 163 -7.49 1.48 10.88
N PHE B 164 -6.73 2.51 11.25
CA PHE B 164 -5.36 2.62 10.75
C PHE B 164 -4.54 1.39 11.14
N VAL B 165 -4.95 0.66 12.18
CA VAL B 165 -4.17 -0.53 12.54
C VAL B 165 -4.35 -1.67 11.56
N ALA B 166 -5.31 -1.56 10.65
CA ALA B 166 -5.43 -2.54 9.58
C ALA B 166 -4.26 -2.40 8.59
N VAL B 167 -3.56 -1.26 8.66
CA VAL B 167 -2.48 -0.88 7.75
C VAL B 167 -1.12 -0.74 8.45
N MET B 168 -1.16 -0.36 9.73
CA MET B 168 0.06 -0.17 10.51
CA MET B 168 0.03 -0.12 10.55
C MET B 168 0.03 -0.98 11.80
N GLY B 169 1.12 -1.71 12.07
CA GLY B 169 1.20 -2.51 13.29
C GLY B 169 1.89 -1.77 14.42
N SER B 170 1.63 -2.18 15.66
CA SER B 170 2.17 -1.50 16.83
CA SER B 170 2.16 -1.49 16.84
C SER B 170 2.64 -2.46 17.92
N ALA B 171 3.70 -2.07 18.64
CA ALA B 171 4.20 -2.86 19.75
C ALA B 171 3.19 -2.88 20.88
N THR B 172 2.44 -1.79 21.01
CA THR B 172 1.36 -1.69 21.98
C THR B 172 0.11 -2.34 21.40
N SER B 173 0.15 -3.67 21.39
CA SER B 173 -0.77 -4.49 20.61
C SER B 173 -2.03 -4.86 21.36
N GLN B 174 -3.17 -4.79 20.66
CA GLN B 174 -4.37 -5.49 21.07
C GLN B 174 -4.67 -6.44 19.92
N ILE B 175 -4.26 -7.70 20.08
CA ILE B 175 -4.07 -8.54 18.90
C ILE B 175 -5.38 -8.94 18.22
N SER B 176 -6.44 -9.22 18.95
CA SER B 176 -7.67 -9.59 18.28
C SER B 176 -8.27 -8.36 17.60
N TYR B 177 -8.17 -7.22 18.27
CA TYR B 177 -8.64 -5.95 17.67
C TYR B 177 -7.98 -5.72 16.31
N THR B 178 -6.65 -5.83 16.29
CA THR B 178 -5.92 -5.62 15.05
C THR B 178 -6.36 -6.61 13.96
N ALA B 179 -6.42 -7.90 14.29
CA ALA B 179 -6.91 -8.87 13.32
C ALA B 179 -8.32 -8.55 12.83
N SER B 180 -9.22 -8.16 13.73
CA SER B 180 -10.59 -7.89 13.32
C SER B 180 -10.62 -6.74 12.31
N LYS B 181 -9.83 -5.71 12.55
CA LYS B 181 -9.85 -4.54 11.67
C LYS B 181 -9.18 -4.85 10.33
N GLY B 182 -8.17 -5.71 10.32
CA GLY B 182 -7.63 -6.20 9.06
C GLY B 182 -8.68 -6.95 8.26
N GLY B 183 -9.47 -7.76 8.95
CA GLY B 183 -10.57 -8.47 8.30
C GLY B 183 -11.61 -7.53 7.72
N VAL B 184 -11.94 -6.48 8.47
CA VAL B 184 -12.92 -5.48 8.01
C VAL B 184 -12.42 -4.81 6.73
N LEU B 185 -11.14 -4.46 6.71
CA LEU B 185 -10.57 -3.78 5.56
C LEU B 185 -10.63 -4.66 4.31
N ALA B 186 -10.22 -5.91 4.44
CA ALA B 186 -10.16 -6.80 3.28
C ALA B 186 -11.56 -7.12 2.76
N MET B 187 -12.50 -7.32 3.67
CA MET B 187 -13.87 -7.61 3.27
C MET B 187 -14.51 -6.39 2.60
N SER B 188 -14.24 -5.22 3.13
CA SER B 188 -14.77 -3.97 2.57
C SER B 188 -14.29 -3.78 1.15
N ARG B 189 -12.99 -4.01 0.95
CA ARG B 189 -12.40 -3.83 -0.36
C ARG B 189 -13.09 -4.75 -1.35
N GLU B 190 -13.25 -6.02 -0.98
CA GLU B 190 -13.85 -7.01 -1.85
C GLU B 190 -15.30 -6.70 -2.18
N LEU B 191 -16.09 -6.33 -1.18
CA LEU B 191 -17.48 -5.96 -1.44
C LEU B 191 -17.57 -4.76 -2.39
N GLY B 192 -16.69 -3.77 -2.20
CA GLY B 192 -16.63 -2.63 -3.10
C GLY B 192 -16.39 -3.05 -4.54
N VAL B 193 -15.44 -3.96 -4.74
CA VAL B 193 -15.16 -4.44 -6.09
C VAL B 193 -16.36 -5.21 -6.63
N GLN B 194 -16.94 -6.07 -5.80
CA GLN B 194 -18.00 -6.98 -6.23
C GLN B 194 -19.24 -6.24 -6.74
N TYR B 195 -19.62 -5.20 -6.00
CA TYR B 195 -20.87 -4.51 -6.28
C TYR B 195 -20.74 -3.22 -7.06
N ALA B 196 -19.58 -2.98 -7.67
CA ALA B 196 -19.28 -1.71 -8.32
C ALA B 196 -20.10 -1.45 -9.57
N ARG B 197 -20.75 -2.48 -10.10
CA ARG B 197 -21.59 -2.29 -11.28
C ARG B 197 -23.06 -2.49 -10.93
N GLN B 198 -23.34 -2.58 -9.64
CA GLN B 198 -24.71 -2.71 -9.15
C GLN B 198 -25.14 -1.46 -8.37
N GLY B 199 -24.35 -0.39 -8.46
CA GLY B 199 -24.73 0.90 -7.90
C GLY B 199 -24.44 1.09 -6.43
N ILE B 200 -23.70 0.17 -5.84
CA ILE B 200 -23.43 0.19 -4.41
C ILE B 200 -21.94 0.32 -4.14
N ARG B 201 -21.54 1.45 -3.56
CA ARG B 201 -20.15 1.65 -3.17
C ARG B 201 -19.91 1.13 -1.74
N VAL B 202 -18.77 0.47 -1.54
CA VAL B 202 -18.37 0.01 -0.22
C VAL B 202 -16.94 0.47 0.07
N ASN B 203 -16.76 1.18 1.18
CA ASN B 203 -15.46 1.75 1.53
C ASN B 203 -15.10 1.55 3.00
N ALA B 204 -13.81 1.36 3.29
CA ALA B 204 -13.35 1.18 4.67
C ALA B 204 -12.81 2.48 5.24
N LEU B 205 -13.53 3.04 6.20
CA LEU B 205 -13.01 4.19 6.93
C LEU B 205 -11.92 3.67 7.87
N CYS B 206 -10.71 4.22 7.76
CA CYS B 206 -9.58 3.81 8.61
C CYS B 206 -9.09 5.00 9.43
N PRO B 207 -9.74 5.25 10.57
CA PRO B 207 -9.31 6.38 11.41
C PRO B 207 -7.97 6.13 12.09
N GLY B 208 -7.17 7.19 12.23
CA GLY B 208 -6.13 7.22 13.24
C GLY B 208 -6.73 7.24 14.63
N PRO B 209 -5.90 7.32 15.67
CA PRO B 209 -6.38 7.41 17.06
C PRO B 209 -7.28 8.61 17.24
N VAL B 210 -8.38 8.44 17.97
CA VAL B 210 -9.37 9.50 18.17
C VAL B 210 -9.30 10.04 19.60
N ASN B 211 -9.33 11.36 19.72
CA ASN B 211 -9.28 12.04 21.00
C ASN B 211 -10.57 11.84 21.81
N THR B 212 -10.41 11.81 23.13
CA THR B 212 -11.55 11.87 24.06
C THR B 212 -11.16 12.73 25.23
N PRO B 213 -12.15 13.30 25.95
CA PRO B 213 -11.86 13.99 27.20
C PRO B 213 -10.96 13.18 28.13
N LEU B 214 -11.17 11.86 28.19
CA LEU B 214 -10.39 10.99 29.06
C LEU B 214 -8.93 10.91 28.60
N LEU B 215 -8.73 10.69 27.30
CA LEU B 215 -7.39 10.59 26.74
C LEU B 215 -6.62 11.90 26.89
N GLN B 216 -7.36 12.99 26.73
CA GLN B 216 -6.78 14.33 26.84
C GLN B 216 -6.21 14.52 28.25
N GLU B 217 -6.94 14.05 29.25
CA GLU B 217 -6.50 14.13 30.63
C GLU B 217 -5.32 13.20 30.91
N LEU B 218 -5.44 11.96 30.45
CA LEU B 218 -4.39 10.96 30.63
C LEU B 218 -3.06 11.45 30.07
N PHE B 219 -3.09 11.94 28.83
CA PHE B 219 -1.89 12.43 28.17
C PHE B 219 -1.25 13.63 28.87
N ALA B 220 -2.07 14.40 29.59
CA ALA B 220 -1.56 15.55 30.33
C ALA B 220 -0.81 15.10 31.58
N LYS B 221 -1.32 14.06 32.23
CA LYS B 221 -0.71 13.55 33.45
C LYS B 221 0.47 12.62 33.16
N ASP B 222 0.62 12.21 31.91
CA ASP B 222 1.69 11.30 31.50
C ASP B 222 2.22 11.68 30.13
N PRO B 223 3.08 12.71 30.07
CA PRO B 223 3.62 13.20 28.80
C PRO B 223 4.52 12.19 28.09
N GLU B 224 5.15 11.28 28.83
CA GLU B 224 6.01 10.27 28.23
C GLU B 224 5.19 9.28 27.38
N ARG B 225 4.07 8.84 27.94
CA ARG B 225 3.16 7.94 27.21
C ARG B 225 2.61 8.64 25.98
N ALA B 226 2.26 9.92 26.13
CA ALA B 226 1.75 10.72 25.02
C ALA B 226 2.76 10.83 23.90
N ALA B 227 3.99 11.20 24.25
CA ALA B 227 5.05 11.41 23.28
C ALA B 227 5.35 10.14 22.50
N ARG B 228 5.28 9.00 23.19
CA ARG B 228 5.58 7.72 22.56
C ARG B 228 4.64 7.46 21.39
N ARG B 229 3.43 8.02 21.46
CA ARG B 229 2.48 7.89 20.36
C ARG B 229 2.56 9.08 19.39
N LEU B 230 2.58 10.29 19.94
CA LEU B 230 2.52 11.50 19.13
C LEU B 230 3.70 11.65 18.19
N VAL B 231 4.84 11.05 18.56
CA VAL B 231 6.03 11.13 17.73
C VAL B 231 5.83 10.40 16.39
N HIS B 232 4.75 9.63 16.27
CA HIS B 232 4.46 8.92 15.03
C HIS B 232 3.30 9.53 14.26
N ILE B 233 2.77 10.63 14.79
CA ILE B 233 1.69 11.32 14.12
C ILE B 233 2.19 12.66 13.61
N PRO B 234 2.30 12.82 12.29
CA PRO B 234 2.75 14.09 11.74
C PRO B 234 1.96 15.29 12.28
N LEU B 235 0.63 15.21 12.34
CA LEU B 235 -0.17 16.34 12.82
C LEU B 235 0.01 16.60 14.32
N GLY B 236 0.60 15.64 15.04
CA GLY B 236 0.99 15.86 16.42
C GLY B 236 -0.16 15.80 17.43
N ARG B 237 -1.26 15.19 17.03
CA ARG B 237 -2.46 15.10 17.86
C ARG B 237 -3.34 13.96 17.39
N PHE B 238 -4.26 13.51 18.23
CA PHE B 238 -5.28 12.54 17.82
C PHE B 238 -6.38 13.26 17.05
N ALA B 239 -7.19 12.49 16.32
CA ALA B 239 -8.32 13.06 15.59
C ALA B 239 -9.44 13.48 16.53
N GLU B 240 -10.23 14.46 16.08
CA GLU B 240 -11.50 14.71 16.73
C GLU B 240 -12.57 13.90 16.00
N PRO B 241 -13.57 13.40 16.73
CA PRO B 241 -14.59 12.56 16.10
C PRO B 241 -15.29 13.29 14.94
N GLU B 242 -15.45 14.60 15.05
CA GLU B 242 -16.01 15.41 13.97
C GLU B 242 -15.22 15.28 12.67
N GLU B 243 -13.92 15.00 12.76
CA GLU B 243 -13.08 14.90 11.56
C GLU B 243 -13.36 13.59 10.84
N LEU B 244 -13.64 12.53 11.59
CA LEU B 244 -14.07 11.29 10.96
C LEU B 244 -15.49 11.44 10.39
N ALA B 245 -16.36 12.12 11.12
CA ALA B 245 -17.70 12.36 10.62
C ALA B 245 -17.69 13.05 9.25
N ALA B 246 -16.78 14.01 9.08
CA ALA B 246 -16.64 14.71 7.80
C ALA B 246 -16.25 13.76 6.68
N ALA B 247 -15.41 12.79 6.99
CA ALA B 247 -15.02 11.80 5.98
C ALA B 247 -16.18 10.89 5.63
N VAL B 248 -16.96 10.46 6.61
CA VAL B 248 -18.09 9.59 6.34
C VAL B 248 -19.16 10.33 5.51
N ALA B 249 -19.37 11.62 5.78
CA ALA B 249 -20.33 12.38 4.98
C ALA B 249 -19.89 12.43 3.52
N PHE B 250 -18.59 12.66 3.31
CA PHE B 250 -18.03 12.65 1.96
C PHE B 250 -18.31 11.29 1.29
N LEU B 251 -17.92 10.20 1.94
CA LEU B 251 -18.07 8.87 1.34
C LEU B 251 -19.54 8.48 1.11
N ALA B 252 -20.43 8.96 1.98
CA ALA B 252 -21.84 8.62 1.91
C ALA B 252 -22.51 9.32 0.74
N SER B 253 -21.90 10.42 0.30
CA SER B 253 -22.49 11.32 -0.68
C SER B 253 -22.07 11.03 -2.12
N ASP B 254 -22.70 11.72 -3.06
CA ASP B 254 -22.34 11.61 -4.48
C ASP B 254 -20.98 12.26 -4.80
N ASP B 255 -20.42 13.00 -3.84
CA ASP B 255 -19.08 13.56 -4.01
C ASP B 255 -18.02 12.46 -4.08
N ALA B 256 -18.37 11.26 -3.64
CA ALA B 256 -17.45 10.14 -3.68
C ALA B 256 -17.93 9.06 -4.65
N SER B 257 -18.65 9.48 -5.70
CA SER B 257 -19.25 8.54 -6.65
C SER B 257 -18.21 7.68 -7.40
N PHE B 258 -16.97 8.14 -7.49
CA PHE B 258 -15.94 7.35 -8.16
C PHE B 258 -14.98 6.73 -7.15
N ILE B 259 -15.42 6.64 -5.90
CA ILE B 259 -14.61 6.02 -4.86
C ILE B 259 -15.30 4.80 -4.28
N THR B 260 -14.72 3.63 -4.53
CA THR B 260 -15.20 2.40 -3.94
C THR B 260 -14.02 1.46 -3.68
N GLY B 261 -14.17 0.58 -2.70
CA GLY B 261 -13.12 -0.36 -2.35
C GLY B 261 -11.96 0.31 -1.64
N SER B 262 -12.19 1.51 -1.13
CA SER B 262 -11.09 2.32 -0.62
C SER B 262 -10.60 1.97 0.78
N THR B 263 -9.28 2.00 0.93
CA THR B 263 -8.64 2.05 2.23
C THR B 263 -8.60 3.53 2.61
N PHE B 264 -9.68 4.01 3.23
CA PHE B 264 -9.85 5.46 3.35
C PHE B 264 -9.26 5.95 4.65
N LEU B 265 -7.97 6.29 4.58
CA LEU B 265 -7.19 6.64 5.76
C LEU B 265 -7.42 8.07 6.19
N VAL B 266 -7.83 8.24 7.43
CA VAL B 266 -7.99 9.56 8.02
C VAL B 266 -7.16 9.53 9.29
N ASP B 267 -5.84 9.61 9.13
CA ASP B 267 -4.93 9.23 10.20
C ASP B 267 -3.82 10.24 10.49
N GLY B 268 -4.00 11.48 10.04
CA GLY B 268 -3.10 12.56 10.40
C GLY B 268 -1.70 12.35 9.86
N GLY B 269 -1.60 11.47 8.87
CA GLY B 269 -0.34 11.14 8.24
C GLY B 269 0.42 9.96 8.80
N ILE B 270 -0.17 9.21 9.73
CA ILE B 270 0.53 8.12 10.39
C ILE B 270 1.08 7.07 9.42
N SER B 271 0.24 6.60 8.51
CA SER B 271 0.61 5.54 7.57
C SER B 271 1.66 6.01 6.56
N SER B 272 1.89 7.32 6.50
CA SER B 272 2.75 7.90 5.48
C SER B 272 4.11 8.35 5.99
N ALA B 273 4.38 8.21 7.28
CA ALA B 273 5.51 8.92 7.87
C ALA B 273 6.62 8.07 8.48
N TYR B 274 7.85 8.49 8.20
CA TYR B 274 9.04 8.04 8.90
C TYR B 274 9.31 9.08 9.99
N VAL B 275 10.36 9.89 9.82
CA VAL B 275 10.68 10.92 10.80
C VAL B 275 9.64 12.04 10.77
N THR B 276 9.11 12.38 11.94
CA THR B 276 8.06 13.39 12.02
C THR B 276 8.63 14.77 12.31
N PRO B 277 7.88 15.83 11.95
CA PRO B 277 8.34 17.19 12.28
C PRO B 277 8.30 17.45 13.78
N LEU B 278 9.16 18.33 14.27
CA LEU B 278 9.18 18.68 15.68
C LEU B 278 7.95 19.50 16.06
N GLN C 26 25.55 -21.98 -6.12
CA GLN C 26 25.32 -22.33 -7.52
C GLN C 26 24.04 -21.72 -8.09
N ARG C 27 23.29 -21.02 -7.26
CA ARG C 27 21.98 -20.51 -7.68
C ARG C 27 22.08 -19.59 -8.92
N LEU C 28 23.18 -18.85 -9.05
CA LEU C 28 23.35 -17.94 -10.19
C LEU C 28 24.49 -18.34 -11.12
N ALA C 29 24.78 -19.64 -11.17
CA ALA C 29 25.90 -20.15 -11.97
C ALA C 29 25.82 -19.71 -13.42
N GLY C 30 26.85 -19.02 -13.87
CA GLY C 30 26.96 -18.61 -15.26
C GLY C 30 26.22 -17.34 -15.63
N LYS C 31 25.36 -16.86 -14.74
CA LYS C 31 24.55 -15.69 -15.06
C LYS C 31 25.41 -14.45 -15.09
N VAL C 32 25.21 -13.61 -16.09
CA VAL C 32 25.96 -12.36 -16.21
C VAL C 32 25.16 -11.22 -15.58
N ALA C 33 25.74 -10.56 -14.58
CA ALA C 33 25.05 -9.48 -13.86
C ALA C 33 25.75 -8.14 -14.03
N VAL C 34 25.01 -7.14 -14.50
CA VAL C 34 25.53 -5.77 -14.61
C VAL C 34 25.07 -5.02 -13.37
N ILE C 35 26.01 -4.39 -12.67
CA ILE C 35 25.68 -3.63 -11.46
C ILE C 35 26.20 -2.22 -11.58
N THR C 36 25.30 -1.24 -11.63
CA THR C 36 25.77 0.13 -11.66
C THR C 36 25.96 0.60 -10.21
N GLY C 37 26.95 1.48 -10.02
CA GLY C 37 27.34 1.87 -8.68
C GLY C 37 27.95 0.70 -7.94
N GLY C 38 28.56 -0.21 -8.69
CA GLY C 38 29.03 -1.47 -8.14
C GLY C 38 30.36 -1.40 -7.41
N ALA C 39 30.95 -0.22 -7.35
CA ALA C 39 32.26 -0.10 -6.72
C ALA C 39 32.19 0.21 -5.24
N SER C 40 30.99 0.48 -4.71
CA SER C 40 30.84 0.78 -3.30
CA SER C 40 30.83 0.83 -3.31
C SER C 40 29.45 0.44 -2.77
N GLY C 41 29.29 0.56 -1.46
CA GLY C 41 28.01 0.37 -0.79
C GLY C 41 27.28 -0.90 -1.13
N ILE C 42 25.96 -0.77 -1.33
CA ILE C 42 25.08 -1.87 -1.67
CA ILE C 42 25.19 -1.97 -1.58
C ILE C 42 25.49 -2.54 -2.97
N GLY C 43 25.97 -1.72 -3.91
CA GLY C 43 26.37 -2.24 -5.20
C GLY C 43 27.53 -3.21 -5.06
N LEU C 44 28.50 -2.84 -4.24
CA LEU C 44 29.67 -3.67 -3.98
C LEU C 44 29.30 -4.93 -3.20
N ALA C 45 28.49 -4.77 -2.15
CA ALA C 45 28.04 -5.92 -1.37
C ALA C 45 27.28 -6.90 -2.26
N THR C 46 26.47 -6.37 -3.16
CA THR C 46 25.70 -7.20 -4.05
C THR C 46 26.61 -7.92 -5.05
N GLY C 47 27.61 -7.22 -5.58
CA GLY C 47 28.57 -7.87 -6.45
C GLY C 47 29.20 -9.10 -5.80
N ARG C 48 29.64 -8.94 -4.56
CA ARG C 48 30.23 -10.04 -3.82
C ARG C 48 29.25 -11.19 -3.64
N ARG C 49 28.01 -10.87 -3.32
CA ARG C 49 27.02 -11.93 -3.11
C ARG C 49 26.66 -12.66 -4.41
N LEU C 50 26.48 -11.91 -5.49
CA LEU C 50 26.13 -12.56 -6.75
C LEU C 50 27.29 -13.45 -7.22
N ARG C 51 28.52 -12.97 -7.04
CA ARG C 51 29.69 -13.77 -7.37
C ARG C 51 29.74 -15.04 -6.53
N ALA C 52 29.36 -14.92 -5.26
CA ALA C 52 29.43 -16.08 -4.37
C ALA C 52 28.43 -17.15 -4.78
N GLU C 53 27.42 -16.75 -5.54
CA GLU C 53 26.43 -17.69 -6.07
C GLU C 53 26.73 -18.09 -7.51
N GLY C 54 27.89 -17.68 -8.02
CA GLY C 54 28.34 -18.15 -9.32
C GLY C 54 28.23 -17.18 -10.48
N ALA C 55 27.73 -15.98 -10.23
CA ALA C 55 27.52 -15.01 -11.29
C ALA C 55 28.83 -14.41 -11.80
N THR C 56 28.80 -13.95 -13.05
CA THR C 56 29.84 -13.10 -13.60
C THR C 56 29.38 -11.66 -13.45
N VAL C 57 30.22 -10.82 -12.85
CA VAL C 57 29.79 -9.47 -12.50
C VAL C 57 30.50 -8.42 -13.35
N VAL C 58 29.70 -7.56 -13.96
CA VAL C 58 30.19 -6.39 -14.67
C VAL C 58 29.93 -5.18 -13.79
N VAL C 59 31.00 -4.56 -13.31
CA VAL C 59 30.91 -3.40 -12.44
C VAL C 59 30.88 -2.13 -13.27
N GLY C 60 29.76 -1.43 -13.27
CA GLY C 60 29.70 -0.15 -13.96
C GLY C 60 29.73 0.94 -12.92
N ASP C 61 30.73 1.82 -13.00
CA ASP C 61 30.88 2.87 -12.01
C ASP C 61 31.62 4.07 -12.58
N ILE C 62 31.45 5.21 -11.92
CA ILE C 62 32.03 6.48 -12.34
C ILE C 62 33.51 6.64 -11.95
N ASP C 63 33.98 5.85 -10.98
CA ASP C 63 35.38 5.93 -10.57
C ASP C 63 36.17 4.70 -11.03
N PRO C 64 37.17 4.91 -11.90
CA PRO C 64 37.95 3.79 -12.47
C PRO C 64 38.79 3.05 -11.44
N THR C 65 39.35 3.78 -10.48
CA THR C 65 40.24 3.15 -9.52
C THR C 65 39.47 2.22 -8.58
N THR C 66 38.36 2.69 -8.01
CA THR C 66 37.56 1.81 -7.15
C THR C 66 36.79 0.81 -8.01
N GLY C 67 36.43 1.21 -9.22
CA GLY C 67 35.75 0.31 -10.15
C GLY C 67 36.59 -0.89 -10.52
N LYS C 68 37.84 -0.65 -10.90
CA LYS C 68 38.74 -1.74 -11.26
C LYS C 68 39.01 -2.60 -10.04
N ALA C 69 39.13 -1.97 -8.87
CA ALA C 69 39.37 -2.69 -7.63
C ALA C 69 38.24 -3.69 -7.36
N ALA C 70 37.00 -3.23 -7.51
CA ALA C 70 35.85 -4.09 -7.28
C ALA C 70 35.82 -5.23 -8.29
N ALA C 71 36.00 -4.90 -9.57
CA ALA C 71 35.98 -5.91 -10.62
C ALA C 71 37.06 -6.97 -10.42
N ASP C 72 38.25 -6.55 -10.00
CA ASP C 72 39.35 -7.48 -9.79
C ASP C 72 39.01 -8.44 -8.67
N GLU C 73 38.42 -7.92 -7.60
CA GLU C 73 38.05 -8.76 -6.45
C GLU C 73 37.05 -9.81 -6.88
N LEU C 74 36.10 -9.41 -7.72
CA LEU C 74 35.02 -10.29 -8.15
C LEU C 74 35.38 -11.14 -9.36
N GLU C 75 36.61 -10.98 -9.85
CA GLU C 75 37.05 -11.62 -11.09
C GLU C 75 36.08 -11.27 -12.22
N GLY C 76 35.66 -10.01 -12.24
CA GLY C 76 34.71 -9.54 -13.23
C GLY C 76 35.32 -8.51 -14.17
N LEU C 77 34.45 -7.62 -14.66
CA LEU C 77 34.84 -6.63 -15.64
C LEU C 77 34.40 -5.25 -15.21
N PHE C 78 35.31 -4.29 -15.29
CA PHE C 78 34.94 -2.91 -15.00
C PHE C 78 34.66 -2.15 -16.29
N VAL C 79 33.54 -1.45 -16.31
CA VAL C 79 33.19 -0.55 -17.40
C VAL C 79 32.91 0.82 -16.82
N PRO C 80 33.70 1.81 -17.21
CA PRO C 80 33.46 3.19 -16.75
C PRO C 80 32.20 3.76 -17.36
N VAL C 81 31.34 4.35 -16.51
CA VAL C 81 30.06 4.86 -16.97
C VAL C 81 29.55 5.96 -16.07
N ASP C 82 29.07 7.04 -16.69
CA ASP C 82 28.21 8.02 -16.04
C ASP C 82 26.78 7.63 -16.40
N VAL C 83 26.02 7.17 -15.41
CA VAL C 83 24.71 6.59 -15.66
C VAL C 83 23.67 7.64 -16.10
N SER C 84 24.05 8.91 -16.09
CA SER C 84 23.17 9.97 -16.56
C SER C 84 23.40 10.28 -18.04
N GLU C 85 24.29 9.53 -18.68
CA GLU C 85 24.58 9.72 -20.10
C GLU C 85 24.12 8.54 -20.95
N GLN C 86 23.27 8.80 -21.92
CA GLN C 86 22.67 7.76 -22.77
C GLN C 86 23.73 6.90 -23.45
N GLU C 87 24.70 7.56 -24.08
CA GLU C 87 25.74 6.83 -24.81
C GLU C 87 26.56 5.93 -23.89
N ALA C 88 26.85 6.41 -22.70
CA ALA C 88 27.63 5.65 -21.73
C ALA C 88 26.84 4.46 -21.18
N VAL C 89 25.55 4.65 -20.94
CA VAL C 89 24.74 3.57 -20.41
C VAL C 89 24.56 2.49 -21.47
N ASP C 90 24.31 2.90 -22.70
CA ASP C 90 24.21 1.94 -23.79
C ASP C 90 25.52 1.17 -23.95
N ASN C 91 26.65 1.87 -23.83
CA ASN C 91 27.96 1.20 -23.96
C ASN C 91 28.19 0.19 -22.85
N LEU C 92 27.71 0.52 -21.65
CA LEU C 92 27.87 -0.38 -20.51
C LEU C 92 27.20 -1.72 -20.80
N PHE C 93 25.96 -1.68 -21.23
CA PHE C 93 25.23 -2.91 -21.48
C PHE C 93 25.68 -3.60 -22.77
N ASP C 94 26.01 -2.82 -23.80
CA ASP C 94 26.53 -3.41 -25.03
C ASP C 94 27.87 -4.09 -24.78
N THR C 95 28.69 -3.51 -23.91
CA THR C 95 30.02 -4.09 -23.64
C THR C 95 29.86 -5.37 -22.83
N ALA C 96 28.93 -5.39 -21.88
CA ALA C 96 28.65 -6.61 -21.13
C ALA C 96 28.22 -7.74 -22.07
N ALA C 97 27.30 -7.43 -22.98
CA ALA C 97 26.79 -8.42 -23.92
C ALA C 97 27.85 -8.92 -24.91
N SER C 98 28.70 -8.03 -25.41
CA SER C 98 29.70 -8.45 -26.38
C SER C 98 30.86 -9.21 -25.72
N THR C 99 31.06 -8.99 -24.42
CA THR C 99 32.14 -9.65 -23.70
C THR C 99 31.73 -11.02 -23.17
N PHE C 100 30.54 -11.11 -22.57
CA PHE C 100 30.12 -12.35 -21.94
C PHE C 100 28.91 -12.98 -22.63
N GLY C 101 28.44 -12.38 -23.73
CA GLY C 101 27.43 -13.01 -24.55
C GLY C 101 25.99 -12.62 -24.30
N ARG C 102 25.72 -12.09 -23.11
CA ARG C 102 24.35 -11.84 -22.67
C ARG C 102 24.31 -10.99 -21.40
N VAL C 103 23.12 -10.50 -21.05
CA VAL C 103 22.90 -9.83 -19.78
C VAL C 103 21.73 -10.53 -19.08
N ASP C 104 22.01 -11.31 -18.03
CA ASP C 104 20.95 -12.04 -17.34
C ASP C 104 20.31 -11.21 -16.25
N ILE C 105 21.11 -10.39 -15.59
CA ILE C 105 20.71 -9.63 -14.42
C ILE C 105 21.17 -8.18 -14.55
N ALA C 106 20.28 -7.24 -14.29
CA ALA C 106 20.70 -5.84 -14.21
C ALA C 106 20.30 -5.29 -12.86
N PHE C 107 21.29 -4.84 -12.08
CA PHE C 107 21.02 -4.16 -10.82
C PHE C 107 21.33 -2.70 -11.08
N ASN C 108 20.30 -1.94 -11.40
CA ASN C 108 20.41 -0.52 -11.72
C ASN C 108 20.32 0.27 -10.42
N ASN C 109 21.49 0.52 -9.85
CA ASN C 109 21.62 0.86 -8.46
C ASN C 109 22.34 2.20 -8.22
N ALA C 110 23.04 2.71 -9.23
CA ALA C 110 23.70 3.99 -9.08
C ALA C 110 22.72 5.09 -8.64
N GLY C 111 23.15 5.89 -7.68
CA GLY C 111 22.38 7.04 -7.24
C GLY C 111 23.18 7.90 -6.31
N ILE C 112 22.74 9.15 -6.13
CA ILE C 112 23.41 10.06 -5.22
C ILE C 112 22.41 10.68 -4.26
N SER C 113 22.93 11.21 -3.15
CA SER C 113 22.12 11.94 -2.18
C SER C 113 22.87 13.18 -1.67
N PRO C 114 23.21 14.12 -2.58
CA PRO C 114 24.05 15.26 -2.19
C PRO C 114 23.37 16.21 -1.21
N PRO C 115 24.15 16.91 -0.38
CA PRO C 115 23.58 17.81 0.63
C PRO C 115 22.89 19.05 0.02
N GLU C 116 23.20 19.40 -1.23
CA GLU C 116 22.58 20.55 -1.88
C GLU C 116 21.09 20.30 -2.10
N ASP C 117 20.73 19.02 -2.16
CA ASP C 117 19.34 18.60 -2.20
C ASP C 117 18.86 18.36 -0.77
N ASP C 118 17.92 19.19 -0.33
CA ASP C 118 17.57 19.23 1.08
C ASP C 118 16.09 19.55 1.21
N LEU C 119 15.73 20.37 2.18
CA LEU C 119 14.35 20.83 2.32
C LEU C 119 13.98 21.63 1.07
N ILE C 120 12.72 21.55 0.65
CA ILE C 120 12.30 22.19 -0.59
C ILE C 120 12.52 23.70 -0.61
N GLU C 121 12.36 24.37 0.53
CA GLU C 121 12.56 25.80 0.64
C GLU C 121 14.00 26.20 0.32
N ASN C 122 14.94 25.31 0.61
CA ASN C 122 16.36 25.60 0.44
C ASN C 122 17.03 24.85 -0.71
N THR C 123 16.22 24.25 -1.59
CA THR C 123 16.75 23.46 -2.70
C THR C 123 16.49 24.13 -4.04
N ASP C 124 17.56 24.59 -4.70
CA ASP C 124 17.38 25.32 -5.96
C ASP C 124 17.34 24.36 -7.16
N LEU C 125 17.05 24.92 -8.34
CA LEU C 125 16.83 24.09 -9.52
C LEU C 125 18.07 23.30 -9.98
N PRO C 126 19.27 23.89 -9.93
CA PRO C 126 20.41 23.03 -10.27
C PRO C 126 20.52 21.77 -9.39
N ALA C 127 20.30 21.90 -8.09
CA ALA C 127 20.34 20.74 -7.20
C ALA C 127 19.22 19.76 -7.52
N TRP C 128 18.01 20.29 -7.75
CA TRP C 128 16.87 19.45 -8.06
C TRP C 128 17.16 18.63 -9.30
N GLN C 129 17.66 19.31 -10.33
CA GLN C 129 17.80 18.67 -11.63
C GLN C 129 18.94 17.66 -11.64
N ARG C 130 20.04 17.99 -10.96
CA ARG C 130 21.16 17.06 -10.85
C ARG C 130 20.73 15.73 -10.26
N VAL C 131 19.94 15.77 -9.20
CA VAL C 131 19.52 14.54 -8.57
C VAL C 131 18.54 13.77 -9.47
N GLN C 132 17.63 14.47 -10.15
CA GLN C 132 16.77 13.80 -11.12
C GLN C 132 17.59 13.14 -12.24
N ASP C 133 18.62 13.83 -12.72
CA ASP C 133 19.49 13.30 -13.77
C ASP C 133 20.18 12.01 -13.36
N ILE C 134 20.84 12.04 -12.20
CA ILE C 134 21.64 10.92 -11.73
C ILE C 134 20.80 9.76 -11.16
N ASN C 135 19.66 10.09 -10.56
CA ASN C 135 18.86 9.06 -9.89
C ASN C 135 17.68 8.50 -10.68
N LEU C 136 17.02 9.33 -11.49
CA LEU C 136 15.80 8.87 -12.15
C LEU C 136 16.03 8.63 -13.66
N LYS C 137 16.58 9.63 -14.33
CA LYS C 137 16.94 9.51 -15.74
C LYS C 137 17.82 8.27 -15.94
N SER C 138 18.75 8.08 -15.00
CA SER C 138 19.70 6.98 -15.09
C SER C 138 19.01 5.62 -15.14
N VAL C 139 17.92 5.47 -14.37
CA VAL C 139 17.17 4.22 -14.33
C VAL C 139 16.37 4.01 -15.61
N TYR C 140 15.81 5.08 -16.17
CA TYR C 140 15.18 4.97 -17.48
C TYR C 140 16.20 4.51 -18.52
N LEU C 141 17.37 5.13 -18.51
CA LEU C 141 18.41 4.79 -19.50
C LEU C 141 18.87 3.36 -19.30
N SER C 142 19.06 2.98 -18.05
CA SER C 142 19.61 1.66 -17.73
C SER C 142 18.59 0.58 -18.07
N CYS C 143 17.32 0.81 -17.74
CA CYS C 143 16.30 -0.15 -18.11
C CYS C 143 16.14 -0.27 -19.62
N ARG C 144 16.18 0.86 -20.33
CA ARG C 144 15.99 0.82 -21.77
C ARG C 144 17.06 -0.06 -22.40
N ALA C 145 18.29 0.10 -21.93
CA ALA C 145 19.42 -0.66 -22.45
C ALA C 145 19.37 -2.13 -22.03
N ALA C 146 19.04 -2.39 -20.77
CA ALA C 146 18.98 -3.76 -20.28
C ALA C 146 17.88 -4.53 -21.00
N LEU C 147 16.69 -3.92 -21.13
CA LEU C 147 15.58 -4.58 -21.81
C LEU C 147 15.89 -4.86 -23.29
N ARG C 148 16.58 -3.93 -23.94
CA ARG C 148 16.97 -4.11 -25.33
C ARG C 148 17.78 -5.39 -25.47
N HIS C 149 18.58 -5.72 -24.46
CA HIS C 149 19.37 -6.93 -24.49
C HIS C 149 18.63 -8.17 -24.02
N MET C 150 17.76 -7.99 -23.03
CA MET C 150 17.05 -9.12 -22.45
C MET C 150 15.91 -9.62 -23.33
N VAL C 151 15.23 -8.69 -24.00
CA VAL C 151 14.10 -9.08 -24.85
C VAL C 151 14.46 -10.19 -25.87
N PRO C 152 15.57 -10.05 -26.62
CA PRO C 152 15.95 -11.15 -27.54
C PRO C 152 16.18 -12.49 -26.84
N ALA C 153 16.72 -12.44 -25.62
CA ALA C 153 17.02 -13.66 -24.88
C ALA C 153 15.77 -14.32 -24.32
N GLY C 154 14.71 -13.52 -24.17
CA GLY C 154 13.46 -14.02 -23.62
C GLY C 154 13.56 -14.33 -22.13
N LYS C 155 14.54 -13.71 -21.48
CA LYS C 155 14.70 -13.86 -20.05
C LYS C 155 15.52 -12.70 -19.50
N GLY C 156 15.42 -12.48 -18.19
CA GLY C 156 16.18 -11.43 -17.56
C GLY C 156 15.51 -11.00 -16.27
N SER C 157 16.32 -10.49 -15.35
CA SER C 157 15.80 -9.97 -14.09
C SER C 157 16.44 -8.63 -13.82
N ILE C 158 15.60 -7.60 -13.75
CA ILE C 158 16.05 -6.24 -13.47
C ILE C 158 15.64 -5.85 -12.06
N ILE C 159 16.60 -5.36 -11.29
CA ILE C 159 16.35 -4.80 -9.99
C ILE C 159 16.78 -3.35 -10.00
N ASN C 160 15.82 -2.45 -9.79
CA ASN C 160 16.10 -1.01 -9.70
C ASN C 160 16.12 -0.59 -8.26
N THR C 161 17.14 0.16 -7.86
CA THR C 161 17.18 0.65 -6.49
C THR C 161 16.35 1.90 -6.34
N ALA C 162 15.21 1.74 -5.66
CA ALA C 162 14.42 2.89 -5.25
C ALA C 162 14.86 3.25 -3.84
N SER C 163 13.92 3.21 -2.90
CA SER C 163 14.18 3.54 -1.50
C SER C 163 12.90 3.37 -0.72
N PHE C 164 13.00 3.15 0.58
CA PHE C 164 11.83 3.19 1.44
C PHE C 164 11.17 4.58 1.41
N VAL C 165 11.91 5.61 1.01
CA VAL C 165 11.31 6.95 0.98
C VAL C 165 10.38 7.11 -0.23
N ALA C 166 10.38 6.14 -1.14
CA ALA C 166 9.35 6.12 -2.18
C ALA C 166 8.00 5.76 -1.61
N VAL C 167 7.98 5.21 -0.39
CA VAL C 167 6.76 4.74 0.28
C VAL C 167 6.46 5.53 1.56
N MET C 168 7.51 6.07 2.19
CA MET C 168 7.35 6.82 3.44
CA MET C 168 7.42 6.79 3.46
C MET C 168 8.06 8.17 3.35
N GLY C 169 7.36 9.22 3.77
CA GLY C 169 7.91 10.57 3.75
C GLY C 169 8.51 10.96 5.07
N SER C 170 9.42 11.94 5.06
CA SER C 170 10.10 12.37 6.29
CA SER C 170 10.09 12.36 6.30
C SER C 170 10.26 13.88 6.36
N ALA C 171 10.20 14.42 7.59
CA ALA C 171 10.37 15.85 7.79
C ALA C 171 11.81 16.26 7.51
N THR C 172 12.72 15.33 7.74
CA THR C 172 14.11 15.54 7.38
C THR C 172 14.26 15.19 5.91
N SER C 173 13.77 16.11 5.08
CA SER C 173 13.56 15.84 3.66
C SER C 173 14.76 16.15 2.78
N GLN C 174 15.00 15.27 1.81
CA GLN C 174 15.84 15.59 0.67
C GLN C 174 14.91 15.48 -0.54
N ILE C 175 14.33 16.61 -0.95
CA ILE C 175 13.10 16.55 -1.75
C ILE C 175 13.29 16.01 -3.18
N SER C 176 14.42 16.33 -3.84
CA SER C 176 14.64 15.76 -5.16
C SER C 176 14.92 14.26 -5.09
N TYR C 177 15.74 13.86 -4.12
CA TYR C 177 16.00 12.44 -3.89
C TYR C 177 14.68 11.65 -3.73
N THR C 178 13.82 12.13 -2.85
CA THR C 178 12.55 11.46 -2.60
C THR C 178 11.73 11.37 -3.88
N ALA C 179 11.64 12.48 -4.61
CA ALA C 179 10.92 12.46 -5.89
C ALA C 179 11.54 11.47 -6.88
N SER C 180 12.87 11.47 -6.97
CA SER C 180 13.53 10.59 -7.93
C SER C 180 13.22 9.12 -7.58
N LYS C 181 13.19 8.80 -6.29
CA LYS C 181 12.98 7.42 -5.90
C LYS C 181 11.51 7.00 -6.06
N GLY C 182 10.59 7.94 -5.86
CA GLY C 182 9.21 7.65 -6.19
C GLY C 182 9.04 7.36 -7.68
N GLY C 183 9.76 8.11 -8.51
CA GLY C 183 9.75 7.86 -9.94
C GLY C 183 10.34 6.51 -10.29
N VAL C 184 11.43 6.15 -9.64
CA VAL C 184 12.05 4.84 -9.87
C VAL C 184 11.05 3.72 -9.53
N LEU C 185 10.34 3.86 -8.41
CA LEU C 185 9.36 2.86 -8.00
C LEU C 185 8.25 2.70 -9.03
N ALA C 186 7.66 3.82 -9.44
CA ALA C 186 6.52 3.74 -10.34
C ALA C 186 6.92 3.16 -11.69
N MET C 187 8.08 3.58 -12.20
CA MET C 187 8.58 3.08 -13.47
C MET C 187 8.91 1.58 -13.38
N SER C 188 9.49 1.16 -12.26
CA SER C 188 9.82 -0.26 -12.06
C SER C 188 8.57 -1.11 -12.07
N ARG C 189 7.54 -0.62 -11.40
CA ARG C 189 6.30 -1.34 -11.34
C ARG C 189 5.72 -1.52 -12.74
N GLU C 190 5.71 -0.44 -13.52
CA GLU C 190 5.12 -0.48 -14.85
C GLU C 190 5.89 -1.42 -15.78
N LEU C 191 7.21 -1.30 -15.76
CA LEU C 191 8.03 -2.19 -16.57
C LEU C 191 7.82 -3.66 -16.20
N GLY C 192 7.66 -3.94 -14.90
CA GLY C 192 7.44 -5.29 -14.42
C GLY C 192 6.13 -5.85 -14.96
N VAL C 193 5.09 -5.02 -14.96
CA VAL C 193 3.84 -5.43 -15.56
C VAL C 193 3.97 -5.64 -17.07
N GLN C 194 4.58 -4.68 -17.75
CA GLN C 194 4.68 -4.67 -19.20
C GLN C 194 5.41 -5.88 -19.80
N TYR C 195 6.46 -6.34 -19.14
CA TYR C 195 7.33 -7.35 -19.73
C TYR C 195 7.09 -8.74 -19.15
N ALA C 196 6.02 -8.86 -18.36
CA ALA C 196 5.78 -10.07 -17.58
C ALA C 196 5.53 -11.32 -18.41
N ARG C 197 5.10 -11.15 -19.67
CA ARG C 197 4.90 -12.32 -20.53
C ARG C 197 5.99 -12.45 -21.57
N GLN C 198 7.13 -11.85 -21.31
CA GLN C 198 8.30 -11.97 -22.19
C GLN C 198 9.47 -12.57 -21.43
N GLY C 199 9.18 -13.21 -20.31
CA GLY C 199 10.18 -13.92 -19.55
C GLY C 199 11.10 -13.03 -18.74
N ILE C 200 10.78 -11.74 -18.68
CA ILE C 200 11.57 -10.77 -17.94
C ILE C 200 10.81 -10.34 -16.68
N ARG C 201 11.54 -10.11 -15.59
CA ARG C 201 10.95 -9.57 -14.35
C ARG C 201 11.65 -8.26 -14.00
N VAL C 202 10.88 -7.29 -13.51
CA VAL C 202 11.44 -6.02 -13.09
C VAL C 202 10.87 -5.68 -11.72
N ASN C 203 11.75 -5.42 -10.77
CA ASN C 203 11.37 -5.19 -9.38
C ASN C 203 12.12 -4.00 -8.79
N ALA C 204 11.46 -3.30 -7.87
CA ALA C 204 12.10 -2.20 -7.18
C ALA C 204 12.57 -2.59 -5.80
N LEU C 205 13.87 -2.58 -5.60
CA LEU C 205 14.44 -2.78 -4.27
C LEU C 205 14.23 -1.47 -3.50
N CYS C 206 13.57 -1.55 -2.34
CA CYS C 206 13.36 -0.35 -1.53
C CYS C 206 14.02 -0.52 -0.17
N PRO C 207 15.32 -0.21 -0.10
CA PRO C 207 16.03 -0.34 1.17
C PRO C 207 15.59 0.69 2.20
N GLY C 208 15.58 0.29 3.47
CA GLY C 208 15.59 1.26 4.55
C GLY C 208 16.96 1.92 4.63
N PRO C 209 17.18 2.75 5.65
CA PRO C 209 18.49 3.39 5.83
C PRO C 209 19.58 2.34 5.99
N VAL C 210 20.73 2.58 5.36
CA VAL C 210 21.84 1.62 5.37
C VAL C 210 22.99 2.13 6.21
N ASN C 211 23.55 1.26 7.05
CA ASN C 211 24.65 1.60 7.92
C ASN C 211 25.94 1.85 7.15
N THR C 212 26.76 2.76 7.64
CA THR C 212 28.12 2.99 7.17
C THR C 212 29.01 3.25 8.38
N PRO C 213 30.32 3.07 8.24
CA PRO C 213 31.22 3.46 9.34
C PRO C 213 31.01 4.92 9.75
N LEU C 214 30.85 5.81 8.77
CA LEU C 214 30.63 7.22 9.03
C LEU C 214 29.38 7.46 9.89
N LEU C 215 28.27 6.84 9.50
CA LEU C 215 27.01 6.97 10.23
C LEU C 215 27.13 6.41 11.65
N GLN C 216 27.81 5.29 11.75
CA GLN C 216 27.99 4.59 13.02
C GLN C 216 28.70 5.45 14.05
N GLU C 217 29.76 6.13 13.63
CA GLU C 217 30.50 7.02 14.52
C GLU C 217 29.70 8.28 14.82
N LEU C 218 28.94 8.72 13.83
CA LEU C 218 28.12 9.93 13.95
C LEU C 218 26.97 9.73 14.94
N PHE C 219 26.36 8.55 14.90
CA PHE C 219 25.26 8.25 15.80
C PHE C 219 25.74 8.10 17.24
N ALA C 220 27.01 7.77 17.42
CA ALA C 220 27.60 7.69 18.74
C ALA C 220 27.81 9.08 19.33
N LYS C 221 28.32 9.99 18.50
CA LYS C 221 28.59 11.36 18.94
C LYS C 221 27.31 12.15 19.13
N ASP C 222 26.25 11.76 18.43
CA ASP C 222 24.97 12.45 18.52
C ASP C 222 23.81 11.46 18.72
N PRO C 223 23.69 10.92 19.95
CA PRO C 223 22.65 9.92 20.26
C PRO C 223 21.23 10.46 20.14
N GLU C 224 21.05 11.76 20.33
CA GLU C 224 19.73 12.38 20.16
C GLU C 224 19.30 12.31 18.70
N ARG C 225 20.24 12.59 17.80
CA ARG C 225 20.00 12.47 16.36
C ARG C 225 19.67 11.04 15.97
N ALA C 226 20.42 10.10 16.53
CA ALA C 226 20.20 8.69 16.27
C ALA C 226 18.80 8.26 16.70
N ALA C 227 18.45 8.60 17.94
CA ALA C 227 17.17 8.21 18.53
C ALA C 227 15.98 8.75 17.73
N ARG C 228 16.14 9.93 17.13
CA ARG C 228 15.07 10.54 16.35
C ARG C 228 14.69 9.68 15.13
N ARG C 229 15.65 8.90 14.64
CA ARG C 229 15.40 8.04 13.50
C ARG C 229 15.02 6.63 13.92
N LEU C 230 15.76 6.11 14.90
CA LEU C 230 15.63 4.70 15.28
C LEU C 230 14.27 4.40 15.92
N VAL C 231 13.65 5.41 16.51
CA VAL C 231 12.34 5.22 17.11
C VAL C 231 11.28 4.84 16.05
N HIS C 232 11.62 5.01 14.78
CA HIS C 232 10.70 4.62 13.69
C HIS C 232 11.10 3.32 13.01
N ILE C 233 12.15 2.68 13.51
CA ILE C 233 12.60 1.43 12.92
C ILE C 233 12.39 0.29 13.91
N PRO C 234 11.45 -0.62 13.60
CA PRO C 234 11.19 -1.69 14.57
C PRO C 234 12.45 -2.48 14.93
N LEU C 235 13.28 -2.84 13.97
CA LEU C 235 14.51 -3.60 14.28
C LEU C 235 15.52 -2.76 15.08
N GLY C 236 15.37 -1.44 15.11
CA GLY C 236 16.18 -0.61 15.97
C GLY C 236 17.61 -0.36 15.52
N ARG C 237 17.88 -0.62 14.23
CA ARG C 237 19.19 -0.38 13.63
C ARG C 237 19.00 -0.10 12.14
N PHE C 238 20.04 0.44 11.50
CA PHE C 238 20.06 0.54 10.05
C PHE C 238 20.44 -0.81 9.46
N ALA C 239 20.17 -0.98 8.16
CA ALA C 239 20.55 -2.20 7.46
C ALA C 239 22.06 -2.27 7.25
N GLU C 240 22.59 -3.50 7.18
CA GLU C 240 23.94 -3.71 6.66
C GLU C 240 23.81 -3.94 5.16
N PRO C 241 24.80 -3.48 4.38
CA PRO C 241 24.68 -3.63 2.92
C PRO C 241 24.51 -5.07 2.49
N GLU C 242 25.10 -6.00 3.24
CA GLU C 242 24.99 -7.41 2.95
C GLU C 242 23.54 -7.90 2.99
N GLU C 243 22.70 -7.24 3.79
CA GLU C 243 21.29 -7.61 3.88
C GLU C 243 20.55 -7.24 2.59
N LEU C 244 20.89 -6.08 2.02
CA LEU C 244 20.33 -5.72 0.72
C LEU C 244 20.85 -6.65 -0.38
N ALA C 245 22.13 -7.00 -0.30
CA ALA C 245 22.72 -7.91 -1.27
C ALA C 245 21.97 -9.23 -1.31
N ALA C 246 21.56 -9.71 -0.14
CA ALA C 246 20.80 -10.95 -0.03
C ALA C 246 19.45 -10.86 -0.76
N ALA C 247 18.82 -9.68 -0.69
CA ALA C 247 17.52 -9.47 -1.33
C ALA C 247 17.68 -9.40 -2.84
N VAL C 248 18.74 -8.74 -3.30
CA VAL C 248 18.99 -8.65 -4.74
C VAL C 248 19.27 -10.04 -5.32
N ALA C 249 20.07 -10.84 -4.61
CA ALA C 249 20.35 -12.19 -5.08
C ALA C 249 19.06 -13.01 -5.20
N PHE C 250 18.18 -12.89 -4.21
CA PHE C 250 16.86 -13.51 -4.29
C PHE C 250 16.11 -13.07 -5.56
N LEU C 251 15.99 -11.75 -5.76
CA LEU C 251 15.23 -11.20 -6.88
C LEU C 251 15.87 -11.55 -8.22
N ALA C 252 17.19 -11.64 -8.23
CA ALA C 252 17.94 -11.93 -9.44
C ALA C 252 17.73 -13.37 -9.89
N SER C 253 17.42 -14.22 -8.92
CA SER C 253 17.38 -15.67 -9.11
C SER C 253 16.01 -16.21 -9.50
N ASP C 254 15.97 -17.49 -9.87
CA ASP C 254 14.71 -18.15 -10.17
C ASP C 254 13.85 -18.37 -8.93
N ASP C 255 14.39 -18.13 -7.74
CA ASP C 255 13.60 -18.22 -6.51
C ASP C 255 12.53 -17.13 -6.47
N ALA C 256 12.69 -16.12 -7.32
CA ALA C 256 11.72 -15.02 -7.40
C ALA C 256 10.94 -15.02 -8.72
N SER C 257 10.79 -16.19 -9.33
CA SER C 257 10.20 -16.30 -10.66
C SER C 257 8.73 -15.85 -10.73
N PHE C 258 8.05 -15.80 -9.60
CA PHE C 258 6.66 -15.31 -9.59
C PHE C 258 6.56 -13.93 -8.96
N ILE C 259 7.69 -13.23 -8.87
CA ILE C 259 7.73 -11.87 -8.34
C ILE C 259 8.15 -10.88 -9.41
N THR C 260 7.23 -10.02 -9.80
CA THR C 260 7.54 -8.94 -10.73
C THR C 260 6.71 -7.72 -10.39
N GLY C 261 7.24 -6.54 -10.72
CA GLY C 261 6.55 -5.30 -10.41
C GLY C 261 6.47 -5.00 -8.91
N SER C 262 7.35 -5.62 -8.13
CA SER C 262 7.31 -5.53 -6.67
C SER C 262 7.86 -4.24 -6.08
N THR C 263 7.15 -3.75 -5.06
CA THR C 263 7.70 -2.78 -4.14
C THR C 263 8.42 -3.58 -3.06
N PHE C 264 9.68 -3.92 -3.33
CA PHE C 264 10.35 -4.89 -2.48
C PHE C 264 11.04 -4.22 -1.32
N LEU C 265 10.30 -4.09 -0.21
CA LEU C 265 10.75 -3.36 0.95
C LEU C 265 11.66 -4.23 1.82
N VAL C 266 12.87 -3.75 2.03
CA VAL C 266 13.81 -4.33 2.97
C VAL C 266 14.18 -3.22 3.95
N ASP C 267 13.26 -2.93 4.87
CA ASP C 267 13.34 -1.70 5.64
C ASP C 267 13.19 -1.86 7.15
N GLY C 268 13.39 -3.07 7.65
CA GLY C 268 13.39 -3.28 9.10
C GLY C 268 12.06 -3.05 9.76
N GLY C 269 10.99 -3.07 8.96
CA GLY C 269 9.66 -2.80 9.47
C GLY C 269 9.20 -1.35 9.42
N ILE C 270 10.01 -0.44 8.89
CA ILE C 270 9.66 0.98 8.89
C ILE C 270 8.29 1.27 8.28
N SER C 271 8.03 0.73 7.08
CA SER C 271 6.79 1.06 6.38
C SER C 271 5.58 0.42 7.04
N SER C 272 5.82 -0.43 8.03
CA SER C 272 4.75 -1.20 8.65
C SER C 272 4.39 -0.75 10.05
N ALA C 273 5.12 0.23 10.59
CA ALA C 273 5.09 0.47 12.02
C ALA C 273 4.52 1.81 12.47
N TYR C 274 3.65 1.73 13.46
CA TYR C 274 3.24 2.87 14.29
C TYR C 274 4.18 2.90 15.50
N VAL C 275 3.67 2.57 16.69
CA VAL C 275 4.52 2.58 17.89
C VAL C 275 5.50 1.41 17.85
N THR C 276 6.78 1.70 18.06
CA THR C 276 7.85 0.70 17.97
C THR C 276 8.17 0.12 19.35
N PRO C 277 8.69 -1.12 19.39
CA PRO C 277 9.06 -1.74 20.67
C PRO C 277 10.25 -1.05 21.32
N LEU C 278 10.38 -1.21 22.63
CA LEU C 278 11.49 -0.60 23.35
C LEU C 278 12.81 -1.29 23.01
N SER D 21 -28.31 22.50 8.27
CA SER D 21 -27.32 23.17 9.11
C SER D 21 -25.97 23.30 8.40
N MET D 22 -25.56 22.25 7.68
CA MET D 22 -24.28 22.25 6.97
C MET D 22 -24.46 22.63 5.50
N ASP D 23 -24.03 23.84 5.15
CA ASP D 23 -24.13 24.31 3.77
C ASP D 23 -22.78 24.28 3.08
N LEU D 24 -22.66 23.43 2.06
CA LEU D 24 -21.39 23.35 1.35
C LEU D 24 -21.12 24.58 0.48
N THR D 25 -22.14 25.38 0.21
CA THR D 25 -21.98 26.55 -0.65
C THR D 25 -21.08 27.64 -0.04
N GLN D 26 -20.74 27.49 1.23
CA GLN D 26 -19.83 28.42 1.88
C GLN D 26 -18.63 27.71 2.51
N ARG D 27 -18.40 26.45 2.14
CA ARG D 27 -17.33 25.66 2.76
C ARG D 27 -15.97 26.30 2.52
N LEU D 28 -15.79 26.91 1.35
CA LEU D 28 -14.54 27.60 1.03
C LEU D 28 -14.72 29.11 0.89
N ALA D 29 -15.67 29.66 1.65
CA ALA D 29 -15.93 31.09 1.59
C ALA D 29 -14.67 31.92 1.90
N GLY D 30 -14.31 32.80 0.98
CA GLY D 30 -13.20 33.72 1.18
C GLY D 30 -11.83 33.15 0.91
N LYS D 31 -11.80 31.88 0.53
CA LYS D 31 -10.53 31.21 0.31
C LYS D 31 -10.01 31.50 -1.10
N VAL D 32 -8.72 31.82 -1.19
CA VAL D 32 -8.10 32.06 -2.49
C VAL D 32 -7.40 30.79 -2.99
N ALA D 33 -7.84 30.28 -4.14
CA ALA D 33 -7.30 29.03 -4.68
C ALA D 33 -6.61 29.25 -6.01
N VAL D 34 -5.36 28.78 -6.11
CA VAL D 34 -4.62 28.82 -7.35
C VAL D 34 -4.73 27.45 -8.00
N ILE D 35 -5.12 27.41 -9.28
CA ILE D 35 -5.25 26.15 -10.01
C ILE D 35 -4.42 26.19 -11.28
N THR D 36 -3.41 25.32 -11.39
CA THR D 36 -2.67 25.22 -12.63
C THR D 36 -3.34 24.19 -13.54
N GLY D 37 -3.18 24.36 -14.84
CA GLY D 37 -3.94 23.58 -15.80
C GLY D 37 -5.42 23.87 -15.65
N GLY D 38 -5.76 25.09 -15.25
CA GLY D 38 -7.12 25.42 -14.88
C GLY D 38 -8.10 25.69 -16.01
N ALA D 39 -7.61 25.74 -17.25
CA ALA D 39 -8.48 26.11 -18.37
C ALA D 39 -9.20 24.91 -18.97
N SER D 40 -8.87 23.70 -18.51
CA SER D 40 -9.54 22.53 -19.06
C SER D 40 -9.55 21.36 -18.08
N GLY D 41 -10.28 20.32 -18.48
CA GLY D 41 -10.27 19.05 -17.78
C GLY D 41 -10.60 19.14 -16.30
N ILE D 42 -9.89 18.38 -15.49
CA ILE D 42 -10.05 18.35 -14.05
CA ILE D 42 -10.18 18.38 -14.07
C ILE D 42 -9.81 19.74 -13.46
N GLY D 43 -8.86 20.45 -14.06
CA GLY D 43 -8.53 21.78 -13.57
C GLY D 43 -9.71 22.73 -13.64
N LEU D 44 -10.42 22.70 -14.76
CA LEU D 44 -11.58 23.58 -14.96
C LEU D 44 -12.78 23.12 -14.14
N ALA D 45 -13.01 21.81 -14.10
CA ALA D 45 -14.09 21.28 -13.26
C ALA D 45 -13.85 21.69 -11.81
N THR D 46 -12.60 21.62 -11.37
CA THR D 46 -12.29 21.95 -9.99
C THR D 46 -12.49 23.43 -9.73
N GLY D 47 -12.09 24.27 -10.69
CA GLY D 47 -12.33 25.70 -10.59
C GLY D 47 -13.80 26.00 -10.33
N ARG D 48 -14.66 25.35 -11.10
CA ARG D 48 -16.12 25.55 -10.97
C ARG D 48 -16.62 25.11 -9.60
N ARG D 49 -16.07 24.02 -9.09
CA ARG D 49 -16.54 23.46 -7.84
C ARG D 49 -16.07 24.30 -6.66
N LEU D 50 -14.82 24.74 -6.69
CA LEU D 50 -14.32 25.58 -5.62
C LEU D 50 -15.06 26.92 -5.60
N ARG D 51 -15.36 27.46 -6.77
CA ARG D 51 -16.09 28.71 -6.87
C ARG D 51 -17.51 28.54 -6.30
N ALA D 52 -18.08 27.37 -6.52
CA ALA D 52 -19.45 27.09 -6.05
C ALA D 52 -19.49 27.02 -4.53
N GLU D 53 -18.33 26.77 -3.91
CA GLU D 53 -18.23 26.72 -2.46
C GLU D 53 -17.70 28.03 -1.88
N GLY D 54 -17.57 29.04 -2.73
CA GLY D 54 -17.28 30.39 -2.27
C GLY D 54 -15.85 30.87 -2.45
N ALA D 55 -15.01 30.04 -3.07
CA ALA D 55 -13.61 30.39 -3.26
C ALA D 55 -13.44 31.43 -4.36
N THR D 56 -12.34 32.17 -4.27
CA THR D 56 -11.90 33.03 -5.36
C THR D 56 -10.82 32.27 -6.12
N VAL D 57 -11.01 32.09 -7.41
CA VAL D 57 -10.13 31.20 -8.18
C VAL D 57 -9.18 31.95 -9.09
N VAL D 58 -7.90 31.62 -8.94
CA VAL D 58 -6.85 32.09 -9.84
C VAL D 58 -6.49 30.96 -10.82
N VAL D 59 -6.76 31.21 -12.09
CA VAL D 59 -6.54 30.22 -13.14
C VAL D 59 -5.16 30.44 -13.76
N GLY D 60 -4.30 29.45 -13.63
CA GLY D 60 -3.02 29.52 -14.30
C GLY D 60 -3.01 28.48 -15.40
N ASP D 61 -2.71 28.90 -16.62
CA ASP D 61 -2.74 27.98 -17.74
C ASP D 61 -1.85 28.51 -18.84
N ILE D 62 -1.36 27.61 -19.69
CA ILE D 62 -0.49 28.00 -20.80
C ILE D 62 -1.29 28.66 -21.93
N ASP D 63 -2.57 28.33 -22.04
CA ASP D 63 -3.43 28.85 -23.10
C ASP D 63 -4.17 30.10 -22.65
N PRO D 64 -3.80 31.26 -23.18
CA PRO D 64 -4.42 32.54 -22.79
C PRO D 64 -5.88 32.65 -23.22
N THR D 65 -6.27 31.93 -24.26
CA THR D 65 -7.63 32.03 -24.77
C THR D 65 -8.62 31.25 -23.91
N THR D 66 -8.35 29.97 -23.72
CA THR D 66 -9.17 29.14 -22.85
C THR D 66 -8.99 29.56 -21.40
N GLY D 67 -7.79 30.03 -21.08
CA GLY D 67 -7.49 30.53 -19.75
C GLY D 67 -8.34 31.72 -19.36
N LYS D 68 -8.37 32.73 -20.24
CA LYS D 68 -9.21 33.91 -20.00
C LYS D 68 -10.68 33.51 -19.87
N ALA D 69 -11.13 32.64 -20.76
CA ALA D 69 -12.52 32.19 -20.76
C ALA D 69 -12.90 31.48 -19.45
N ALA D 70 -11.99 30.66 -18.94
CA ALA D 70 -12.23 29.98 -17.68
C ALA D 70 -12.38 30.97 -16.54
N ALA D 71 -11.42 31.90 -16.44
CA ALA D 71 -11.42 32.88 -15.36
C ALA D 71 -12.68 33.76 -15.42
N ASP D 72 -13.09 34.12 -16.62
CA ASP D 72 -14.29 34.93 -16.78
C ASP D 72 -15.51 34.17 -16.26
N GLU D 73 -15.62 32.89 -16.61
CA GLU D 73 -16.72 32.08 -16.12
C GLU D 73 -16.73 32.02 -14.60
N LEU D 74 -15.56 31.90 -14.01
CA LEU D 74 -15.45 31.74 -12.55
C LEU D 74 -15.44 33.07 -11.81
N GLU D 75 -15.57 34.17 -12.55
CA GLU D 75 -15.40 35.51 -11.98
C GLU D 75 -14.06 35.58 -11.23
N GLY D 76 -13.03 35.00 -11.84
CA GLY D 76 -11.73 34.95 -11.20
C GLY D 76 -10.63 35.65 -11.98
N LEU D 77 -9.41 35.18 -11.75
CA LEU D 77 -8.22 35.83 -12.27
C LEU D 77 -7.47 34.88 -13.19
N PHE D 78 -7.03 35.35 -14.35
CA PHE D 78 -6.16 34.54 -15.20
C PHE D 78 -4.74 35.05 -15.20
N VAL D 79 -3.80 34.14 -14.94
CA VAL D 79 -2.39 34.43 -15.12
C VAL D 79 -1.79 33.40 -16.08
N PRO D 80 -1.24 33.86 -17.20
CA PRO D 80 -0.60 32.92 -18.13
C PRO D 80 0.65 32.29 -17.48
N VAL D 81 0.85 30.99 -17.67
CA VAL D 81 1.99 30.35 -17.04
C VAL D 81 2.42 29.09 -17.77
N ASP D 82 3.71 28.97 -18.00
CA ASP D 82 4.35 27.70 -18.36
C ASP D 82 4.91 27.11 -17.09
N VAL D 83 4.28 26.03 -16.61
CA VAL D 83 4.62 25.50 -15.29
C VAL D 83 6.00 24.81 -15.26
N SER D 84 6.62 24.68 -16.42
CA SER D 84 7.97 24.11 -16.48
C SER D 84 9.03 25.20 -16.26
N GLU D 85 8.59 26.45 -16.15
CA GLU D 85 9.51 27.58 -15.93
C GLU D 85 9.36 28.20 -14.55
N GLN D 86 10.48 28.26 -13.82
CA GLN D 86 10.53 28.82 -12.47
C GLN D 86 9.98 30.24 -12.39
N GLU D 87 10.36 31.09 -13.34
CA GLU D 87 9.90 32.47 -13.34
C GLU D 87 8.38 32.55 -13.52
N ALA D 88 7.84 31.76 -14.43
CA ALA D 88 6.40 31.77 -14.69
C ALA D 88 5.61 31.28 -13.48
N VAL D 89 6.10 30.22 -12.84
CA VAL D 89 5.43 29.64 -11.69
C VAL D 89 5.46 30.59 -10.50
N ASP D 90 6.63 31.18 -10.24
CA ASP D 90 6.74 32.18 -9.18
C ASP D 90 5.78 33.33 -9.47
N ASN D 91 5.74 33.77 -10.73
CA ASN D 91 4.86 34.89 -11.09
C ASN D 91 3.39 34.58 -10.85
N LEU D 92 3.01 33.31 -11.04
CA LEU D 92 1.63 32.91 -10.84
C LEU D 92 1.21 33.08 -9.39
N PHE D 93 1.99 32.49 -8.49
CA PHE D 93 1.65 32.52 -7.07
C PHE D 93 1.88 33.91 -6.48
N ASP D 94 2.91 34.61 -6.94
CA ASP D 94 3.19 35.94 -6.43
C ASP D 94 2.10 36.92 -6.85
N THR D 95 1.61 36.76 -8.08
CA THR D 95 0.52 37.60 -8.57
C THR D 95 -0.75 37.33 -7.78
N ALA D 96 -0.99 36.07 -7.45
CA ALA D 96 -2.17 35.70 -6.67
C ALA D 96 -2.12 36.33 -5.28
N ALA D 97 -0.96 36.27 -4.65
CA ALA D 97 -0.79 36.76 -3.29
C ALA D 97 -0.83 38.28 -3.25
N SER D 98 -0.31 38.89 -4.30
CA SER D 98 -0.28 40.35 -4.37
C SER D 98 -1.68 40.90 -4.58
N THR D 99 -2.43 40.21 -5.43
CA THR D 99 -3.79 40.62 -5.76
C THR D 99 -4.72 40.50 -4.56
N PHE D 100 -4.66 39.37 -3.87
CA PHE D 100 -5.64 39.05 -2.84
C PHE D 100 -5.09 39.03 -1.41
N GLY D 101 -3.77 39.14 -1.27
CA GLY D 101 -3.15 39.17 0.04
C GLY D 101 -2.71 37.80 0.55
N ARG D 102 -3.18 36.73 -0.09
CA ARG D 102 -2.93 35.38 0.40
C ARG D 102 -3.19 34.33 -0.67
N VAL D 103 -2.66 33.14 -0.45
CA VAL D 103 -3.02 31.94 -1.21
C VAL D 103 -3.40 30.85 -0.22
N ASP D 104 -4.68 30.48 -0.21
CA ASP D 104 -5.15 29.51 0.77
C ASP D 104 -5.05 28.07 0.27
N ILE D 105 -5.27 27.90 -1.03
CA ILE D 105 -5.33 26.60 -1.65
C ILE D 105 -4.45 26.59 -2.90
N ALA D 106 -3.68 25.53 -3.09
CA ALA D 106 -2.98 25.34 -4.35
C ALA D 106 -3.33 23.96 -4.91
N PHE D 107 -3.88 23.96 -6.13
CA PHE D 107 -4.15 22.71 -6.85
C PHE D 107 -3.16 22.67 -7.98
N ASN D 108 -2.06 21.96 -7.73
CA ASN D 108 -0.93 21.90 -8.65
C ASN D 108 -1.17 20.75 -9.61
N ASN D 109 -1.78 21.07 -10.74
CA ASN D 109 -2.51 20.09 -11.51
C ASN D 109 -2.02 19.96 -12.95
N ALA D 110 -1.42 21.01 -13.47
CA ALA D 110 -0.92 21.00 -14.86
C ALA D 110 -0.03 19.80 -15.15
N GLY D 111 -0.25 19.18 -16.30
CA GLY D 111 0.49 18.00 -16.71
C GLY D 111 0.17 17.63 -18.15
N ILE D 112 1.07 16.89 -18.78
CA ILE D 112 0.86 16.44 -20.16
C ILE D 112 1.13 14.95 -20.31
N SER D 113 0.55 14.35 -21.35
CA SER D 113 0.83 12.97 -21.71
C SER D 113 0.90 12.85 -23.22
N PRO D 114 2.00 13.33 -23.82
CA PRO D 114 2.18 13.41 -25.27
C PRO D 114 2.43 12.06 -25.93
N PRO D 115 2.08 11.93 -27.22
CA PRO D 115 2.23 10.66 -27.92
C PRO D 115 3.68 10.18 -28.03
N GLU D 116 4.64 11.11 -27.96
CA GLU D 116 6.05 10.75 -28.10
C GLU D 116 6.56 10.06 -26.85
N ASP D 117 5.82 10.22 -25.74
CA ASP D 117 6.08 9.47 -24.51
C ASP D 117 5.19 8.24 -24.49
N ASP D 118 5.81 7.07 -24.65
CA ASP D 118 5.09 5.82 -24.85
C ASP D 118 5.85 4.69 -24.18
N LEU D 119 5.98 3.57 -24.89
CA LEU D 119 6.75 2.45 -24.38
C LEU D 119 8.21 2.86 -24.22
N ILE D 120 8.87 2.35 -23.19
CA ILE D 120 10.27 2.69 -22.95
C ILE D 120 11.15 2.40 -24.18
N GLU D 121 10.80 1.37 -24.95
CA GLU D 121 11.60 0.98 -26.10
C GLU D 121 11.62 2.05 -27.18
N ASN D 122 10.54 2.83 -27.31
CA ASN D 122 10.45 3.78 -28.42
C ASN D 122 10.46 5.24 -27.96
N THR D 123 10.69 5.45 -26.67
CA THR D 123 10.67 6.77 -26.06
C THR D 123 12.08 7.30 -25.89
N ASP D 124 12.45 8.32 -26.67
CA ASP D 124 13.79 8.86 -26.61
C ASP D 124 13.91 9.99 -25.59
N LEU D 125 15.12 10.46 -25.36
CA LEU D 125 15.38 11.42 -24.26
C LEU D 125 14.64 12.76 -24.38
N PRO D 126 14.52 13.32 -25.59
CA PRO D 126 13.74 14.57 -25.62
C PRO D 126 12.29 14.41 -25.12
N ALA D 127 11.63 13.30 -25.48
CA ALA D 127 10.29 13.04 -24.98
C ALA D 127 10.32 12.81 -23.48
N TRP D 128 11.26 11.98 -23.02
CA TRP D 128 11.40 11.67 -21.60
C TRP D 128 11.50 12.95 -20.78
N GLN D 129 12.45 13.79 -21.15
CA GLN D 129 12.76 14.99 -20.38
C GLN D 129 11.65 16.04 -20.41
N ARG D 130 10.99 16.19 -21.56
CA ARG D 130 9.90 17.15 -21.68
C ARG D 130 8.79 16.81 -20.69
N VAL D 131 8.48 15.53 -20.58
CA VAL D 131 7.40 15.11 -19.68
C VAL D 131 7.80 15.30 -18.22
N GLN D 132 9.06 15.03 -17.89
CA GLN D 132 9.56 15.31 -16.55
C GLN D 132 9.48 16.80 -16.24
N ASP D 133 9.91 17.64 -17.18
CA ASP D 133 9.90 19.09 -16.97
C ASP D 133 8.51 19.60 -16.66
N ILE D 134 7.53 19.16 -17.44
CA ILE D 134 6.17 19.69 -17.31
C ILE D 134 5.34 18.99 -16.22
N ASN D 135 5.66 17.74 -15.90
CA ASN D 135 4.85 17.01 -14.90
C ASN D 135 5.45 16.91 -13.49
N LEU D 136 6.76 16.82 -13.38
CA LEU D 136 7.37 16.64 -12.07
C LEU D 136 8.08 17.90 -11.59
N LYS D 137 8.97 18.44 -12.42
CA LYS D 137 9.62 19.69 -12.11
C LYS D 137 8.59 20.76 -11.75
N SER D 138 7.51 20.79 -12.52
CA SER D 138 6.45 21.78 -12.31
C SER D 138 5.86 21.71 -10.91
N VAL D 139 5.81 20.51 -10.34
CA VAL D 139 5.17 20.34 -9.04
C VAL D 139 6.14 20.79 -7.94
N TYR D 140 7.42 20.50 -8.15
CA TYR D 140 8.48 21.04 -7.31
C TYR D 140 8.39 22.58 -7.31
N LEU D 141 8.34 23.19 -8.50
CA LEU D 141 8.27 24.65 -8.59
C LEU D 141 7.02 25.21 -7.95
N SER D 142 5.90 24.53 -8.16
CA SER D 142 4.62 25.04 -7.70
C SER D 142 4.51 24.92 -6.19
N CYS D 143 5.04 23.82 -5.64
CA CYS D 143 5.00 23.65 -4.19
C CYS D 143 5.93 24.64 -3.53
N ARG D 144 7.10 24.86 -4.12
CA ARG D 144 8.03 25.82 -3.55
C ARG D 144 7.40 27.21 -3.49
N ALA D 145 6.74 27.60 -4.57
CA ALA D 145 6.11 28.92 -4.66
C ALA D 145 4.94 29.03 -3.71
N ALA D 146 4.12 27.99 -3.64
CA ALA D 146 2.96 28.04 -2.75
C ALA D 146 3.40 28.14 -1.30
N LEU D 147 4.44 27.38 -0.95
CA LEU D 147 4.96 27.34 0.41
C LEU D 147 5.59 28.67 0.81
N ARG D 148 6.13 29.41 -0.15
CA ARG D 148 6.69 30.73 0.11
CA ARG D 148 6.69 30.72 0.12
C ARG D 148 5.65 31.65 0.73
N HIS D 149 4.39 31.45 0.34
CA HIS D 149 3.30 32.28 0.86
C HIS D 149 2.58 31.62 2.02
N MET D 150 2.42 30.30 1.95
CA MET D 150 1.64 29.61 2.98
C MET D 150 2.36 29.53 4.31
N VAL D 151 3.67 29.32 4.29
CA VAL D 151 4.40 29.11 5.54
C VAL D 151 4.35 30.34 6.46
N PRO D 152 4.67 31.55 5.94
CA PRO D 152 4.53 32.68 6.86
C PRO D 152 3.08 32.94 7.26
N ALA D 153 2.12 32.50 6.44
CA ALA D 153 0.71 32.66 6.76
C ALA D 153 0.24 31.67 7.83
N GLY D 154 0.99 30.58 7.99
CA GLY D 154 0.68 29.58 8.99
C GLY D 154 -0.45 28.63 8.62
N LYS D 155 -0.85 28.66 7.35
CA LYS D 155 -1.96 27.82 6.90
C LYS D 155 -1.97 27.64 5.40
N GLY D 156 -2.60 26.57 4.95
CA GLY D 156 -2.71 26.29 3.53
C GLY D 156 -3.00 24.84 3.26
N SER D 157 -3.60 24.58 2.10
CA SER D 157 -3.85 23.21 1.67
C SER D 157 -3.38 23.08 0.24
N ILE D 158 -2.45 22.15 0.04
CA ILE D 158 -1.87 21.90 -1.28
C ILE D 158 -2.30 20.54 -1.79
N ILE D 159 -2.88 20.53 -2.98
CA ILE D 159 -3.23 19.28 -3.63
C ILE D 159 -2.44 19.15 -4.91
N ASN D 160 -1.62 18.11 -5.00
CA ASN D 160 -0.84 17.85 -6.22
C ASN D 160 -1.45 16.72 -7.01
N THR D 161 -1.59 16.91 -8.32
CA THR D 161 -2.15 15.85 -9.13
C THR D 161 -1.07 14.85 -9.52
N ALA D 162 -1.14 13.68 -8.90
CA ALA D 162 -0.34 12.56 -9.35
C ALA D 162 -1.19 11.77 -10.33
N SER D 163 -1.46 10.51 -10.01
CA SER D 163 -2.24 9.63 -10.88
C SER D 163 -2.34 8.26 -10.24
N PHE D 164 -3.34 7.49 -10.65
CA PHE D 164 -3.40 6.09 -10.24
C PHE D 164 -2.20 5.31 -10.77
N VAL D 165 -1.53 5.81 -11.82
CA VAL D 165 -0.36 5.07 -12.33
C VAL D 165 0.84 5.25 -11.41
N ALA D 166 0.75 6.14 -10.43
CA ALA D 166 1.77 6.22 -9.40
C ALA D 166 1.71 5.01 -8.47
N VAL D 167 0.59 4.28 -8.50
CA VAL D 167 0.40 3.12 -7.63
C VAL D 167 0.24 1.82 -8.43
N MET D 168 -0.22 1.92 -9.67
CA MET D 168 -0.46 0.77 -10.52
C MET D 168 0.22 0.91 -11.88
N GLY D 169 0.92 -0.12 -12.31
CA GLY D 169 1.62 -0.11 -13.59
C GLY D 169 0.80 -0.73 -14.70
N SER D 170 1.11 -0.34 -15.94
CA SER D 170 0.32 -0.77 -17.08
CA SER D 170 0.33 -0.79 -17.07
C SER D 170 1.20 -1.25 -18.23
N ALA D 171 0.73 -2.27 -18.94
CA ALA D 171 1.41 -2.73 -20.14
C ALA D 171 1.29 -1.68 -21.24
N THR D 172 0.19 -0.93 -21.20
CA THR D 172 -0.03 0.19 -22.11
C THR D 172 0.69 1.41 -21.54
N SER D 173 2.02 1.37 -21.61
CA SER D 173 2.87 2.27 -20.84
C SER D 173 3.15 3.61 -21.51
N GLN D 174 3.11 4.67 -20.70
CA GLN D 174 3.69 5.94 -21.06
C GLN D 174 4.78 6.20 -20.01
N ILE D 175 6.02 5.87 -20.34
CA ILE D 175 6.99 5.60 -19.27
C ILE D 175 7.46 6.87 -18.54
N SER D 176 7.64 7.98 -19.24
CA SER D 176 8.03 9.19 -18.52
C SER D 176 6.86 9.73 -17.70
N TYR D 177 5.65 9.62 -18.25
CA TYR D 177 4.46 10.03 -17.50
C TYR D 177 4.37 9.28 -16.19
N THR D 178 4.59 7.98 -16.25
CA THR D 178 4.45 7.15 -15.07
C THR D 178 5.49 7.49 -14.02
N ALA D 179 6.74 7.63 -14.44
CA ALA D 179 7.77 8.07 -13.52
C ALA D 179 7.47 9.43 -12.91
N SER D 180 7.00 10.37 -13.74
CA SER D 180 6.74 11.71 -13.24
C SER D 180 5.69 11.67 -12.15
N LYS D 181 4.66 10.85 -12.33
CA LYS D 181 3.58 10.84 -11.35
C LYS D 181 3.98 10.08 -10.07
N GLY D 182 4.87 9.09 -10.22
CA GLY D 182 5.47 8.44 -9.06
C GLY D 182 6.27 9.44 -8.24
N GLY D 183 6.99 10.31 -8.94
CA GLY D 183 7.75 11.38 -8.31
C GLY D 183 6.82 12.36 -7.60
N VAL D 184 5.72 12.73 -8.26
CA VAL D 184 4.74 13.64 -7.64
C VAL D 184 4.18 13.03 -6.36
N LEU D 185 3.86 11.73 -6.40
CA LEU D 185 3.30 11.08 -5.22
C LEU D 185 4.27 11.08 -4.05
N ALA D 186 5.51 10.67 -4.28
CA ALA D 186 6.46 10.55 -3.18
C ALA D 186 6.82 11.93 -2.61
N MET D 187 6.94 12.95 -3.47
CA MET D 187 7.23 14.30 -3.01
C MET D 187 6.05 14.85 -2.20
N SER D 188 4.84 14.59 -2.69
CA SER D 188 3.63 15.08 -2.01
C SER D 188 3.56 14.50 -0.60
N ARG D 189 3.85 13.21 -0.49
CA ARG D 189 3.78 12.52 0.79
C ARG D 189 4.76 13.12 1.77
N GLU D 190 5.99 13.32 1.32
CA GLU D 190 7.03 13.89 2.16
C GLU D 190 6.69 15.32 2.61
N LEU D 191 6.22 16.14 1.70
CA LEU D 191 5.86 17.52 2.04
C LEU D 191 4.76 17.54 3.09
N GLY D 192 3.81 16.62 2.95
CA GLY D 192 2.70 16.53 3.90
C GLY D 192 3.20 16.19 5.29
N VAL D 193 4.13 15.24 5.37
CA VAL D 193 4.72 14.91 6.65
C VAL D 193 5.51 16.10 7.19
N GLN D 194 6.35 16.68 6.34
CA GLN D 194 7.25 17.76 6.76
C GLN D 194 6.53 18.96 7.36
N TYR D 195 5.40 19.35 6.76
CA TYR D 195 4.76 20.60 7.14
C TYR D 195 3.55 20.41 8.05
N ALA D 196 3.40 19.21 8.60
CA ALA D 196 2.16 18.86 9.32
C ALA D 196 1.96 19.60 10.64
N ARG D 197 3.03 20.18 11.19
CA ARG D 197 2.88 20.97 12.40
C ARG D 197 3.14 22.45 12.13
N GLN D 198 2.99 22.84 10.87
CA GLN D 198 3.12 24.24 10.48
C GLN D 198 1.81 24.76 9.88
N GLY D 199 0.72 24.03 10.12
CA GLY D 199 -0.61 24.49 9.75
C GLY D 199 -0.94 24.23 8.29
N ILE D 200 -0.10 23.46 7.62
CA ILE D 200 -0.27 23.21 6.20
C ILE D 200 -0.50 21.71 5.95
N ARG D 201 -1.35 21.39 4.97
CA ARG D 201 -1.55 20.02 4.55
C ARG D 201 -1.17 19.88 3.09
N VAL D 202 -0.51 18.78 2.75
CA VAL D 202 -0.17 18.48 1.37
C VAL D 202 -0.64 17.08 1.03
N ASN D 203 -1.37 16.95 -0.07
CA ASN D 203 -1.94 15.65 -0.44
C ASN D 203 -1.81 15.39 -1.93
N ALA D 204 -1.69 14.12 -2.30
CA ALA D 204 -1.63 13.73 -3.70
C ALA D 204 -2.96 13.21 -4.22
N LEU D 205 -3.62 13.96 -5.08
CA LEU D 205 -4.79 13.45 -5.78
C LEU D 205 -4.33 12.41 -6.81
N CYS D 206 -4.84 11.19 -6.73
CA CYS D 206 -4.49 10.16 -7.69
C CYS D 206 -5.71 9.70 -8.46
N PRO D 207 -6.04 10.42 -9.54
CA PRO D 207 -7.22 10.06 -10.34
C PRO D 207 -7.02 8.78 -11.12
N GLY D 208 -8.10 8.02 -11.30
CA GLY D 208 -8.14 6.99 -12.32
C GLY D 208 -8.21 7.69 -13.67
N PRO D 209 -8.41 6.93 -14.75
CA PRO D 209 -8.54 7.54 -16.08
C PRO D 209 -9.79 8.44 -16.13
N VAL D 210 -9.69 9.57 -16.82
CA VAL D 210 -10.75 10.56 -16.85
C VAL D 210 -11.38 10.66 -18.24
N ASN D 211 -12.71 10.66 -18.27
CA ASN D 211 -13.44 10.66 -19.52
C ASN D 211 -13.36 11.99 -20.26
N THR D 212 -13.35 11.92 -21.59
CA THR D 212 -13.44 13.10 -22.45
C THR D 212 -14.38 12.78 -23.61
N PRO D 213 -14.92 13.81 -24.27
CA PRO D 213 -15.71 13.55 -25.48
C PRO D 213 -14.95 12.72 -26.52
N LEU D 214 -13.65 12.97 -26.65
CA LEU D 214 -12.81 12.25 -27.60
C LEU D 214 -12.70 10.77 -27.24
N LEU D 215 -12.54 10.48 -25.96
CA LEU D 215 -12.42 9.11 -25.50
C LEU D 215 -13.75 8.38 -25.64
N GLN D 216 -14.84 9.11 -25.39
CA GLN D 216 -16.18 8.53 -25.50
C GLN D 216 -16.46 8.06 -26.91
N GLU D 217 -15.98 8.82 -27.89
CA GLU D 217 -16.16 8.47 -29.29
C GLU D 217 -15.23 7.31 -29.67
N LEU D 218 -13.98 7.40 -29.25
CA LEU D 218 -12.98 6.37 -29.55
C LEU D 218 -13.39 5.02 -28.96
N PHE D 219 -13.92 5.03 -27.75
CA PHE D 219 -14.33 3.79 -27.08
C PHE D 219 -15.55 3.18 -27.76
N ALA D 220 -16.40 4.03 -28.33
CA ALA D 220 -17.58 3.56 -29.04
C ALA D 220 -17.20 2.97 -30.39
N LYS D 221 -16.09 3.45 -30.96
CA LYS D 221 -15.62 2.99 -32.26
C LYS D 221 -14.73 1.75 -32.14
N ASP D 222 -14.13 1.57 -30.97
CA ASP D 222 -13.24 0.44 -30.73
C ASP D 222 -13.57 -0.22 -29.39
N PRO D 223 -14.58 -1.10 -29.40
CA PRO D 223 -15.03 -1.77 -28.17
C PRO D 223 -13.96 -2.69 -27.59
N GLU D 224 -13.16 -3.31 -28.44
CA GLU D 224 -12.10 -4.21 -28.00
C GLU D 224 -11.04 -3.45 -27.20
N ARG D 225 -10.64 -2.29 -27.70
CA ARG D 225 -9.68 -1.43 -27.00
C ARG D 225 -10.23 -0.92 -25.69
N ALA D 226 -11.49 -0.51 -25.71
CA ALA D 226 -12.17 -0.03 -24.50
C ALA D 226 -12.22 -1.13 -23.46
N ALA D 227 -12.65 -2.33 -23.87
CA ALA D 227 -12.82 -3.44 -22.95
C ALA D 227 -11.49 -3.87 -22.33
N ARG D 228 -10.40 -3.69 -23.07
CA ARG D 228 -9.08 -4.06 -22.56
C ARG D 228 -8.74 -3.25 -21.31
N ARG D 229 -9.28 -2.03 -21.23
CA ARG D 229 -9.08 -1.18 -20.07
C ARG D 229 -10.20 -1.32 -19.03
N LEU D 230 -11.45 -1.26 -19.50
CA LEU D 230 -12.60 -1.27 -18.61
C LEU D 230 -12.69 -2.53 -17.75
N VAL D 231 -12.14 -3.64 -18.24
CA VAL D 231 -12.16 -4.88 -17.46
C VAL D 231 -11.33 -4.75 -16.17
N HIS D 232 -10.53 -3.69 -16.04
CA HIS D 232 -9.76 -3.46 -14.82
C HIS D 232 -10.33 -2.33 -13.94
N ILE D 233 -11.50 -1.83 -14.32
CA ILE D 233 -12.14 -0.77 -13.55
C ILE D 233 -13.46 -1.28 -12.98
N PRO D 234 -13.51 -1.52 -11.67
CA PRO D 234 -14.74 -2.07 -11.10
C PRO D 234 -15.98 -1.27 -11.48
N LEU D 235 -15.93 0.06 -11.40
CA LEU D 235 -17.09 0.88 -11.76
C LEU D 235 -17.47 0.81 -13.24
N GLY D 236 -16.57 0.33 -14.09
CA GLY D 236 -16.91 0.07 -15.49
C GLY D 236 -16.94 1.28 -16.40
N ARG D 237 -16.25 2.34 -15.99
CA ARG D 237 -16.22 3.59 -16.73
C ARG D 237 -15.05 4.45 -16.27
N PHE D 238 -14.70 5.45 -17.07
CA PHE D 238 -13.71 6.43 -16.65
C PHE D 238 -14.39 7.45 -15.73
N ALA D 239 -13.60 8.22 -15.00
CA ALA D 239 -14.13 9.27 -14.15
C ALA D 239 -14.62 10.45 -14.97
N GLU D 240 -15.59 11.17 -14.43
CA GLU D 240 -15.95 12.48 -14.97
C GLU D 240 -15.13 13.52 -14.21
N PRO D 241 -14.71 14.60 -14.88
CA PRO D 241 -13.83 15.54 -14.18
C PRO D 241 -14.48 16.14 -12.91
N GLU D 242 -15.81 16.25 -12.90
CA GLU D 242 -16.53 16.75 -11.72
C GLU D 242 -16.29 15.88 -10.50
N GLU D 243 -16.05 14.59 -10.72
CA GLU D 243 -15.84 13.67 -9.61
C GLU D 243 -14.48 13.92 -8.97
N LEU D 244 -13.48 14.26 -9.77
CA LEU D 244 -12.19 14.66 -9.23
C LEU D 244 -12.29 16.01 -8.52
N ALA D 245 -13.05 16.93 -9.12
CA ALA D 245 -13.33 18.24 -8.53
C ALA D 245 -13.89 18.12 -7.10
N ALA D 246 -14.82 17.19 -6.91
CA ALA D 246 -15.41 16.97 -5.60
C ALA D 246 -14.37 16.55 -4.58
N ALA D 247 -13.42 15.73 -5.01
CA ALA D 247 -12.36 15.28 -4.12
C ALA D 247 -11.42 16.41 -3.75
N VAL D 248 -11.07 17.25 -4.73
CA VAL D 248 -10.17 18.37 -4.44
C VAL D 248 -10.83 19.35 -3.47
N ALA D 249 -12.12 19.61 -3.64
CA ALA D 249 -12.84 20.51 -2.73
C ALA D 249 -12.80 19.96 -1.31
N PHE D 250 -13.00 18.65 -1.17
CA PHE D 250 -12.89 17.98 0.13
C PHE D 250 -11.49 18.20 0.72
N LEU D 251 -10.45 17.90 -0.06
CA LEU D 251 -9.08 18.04 0.43
C LEU D 251 -8.70 19.48 0.73
N ALA D 252 -9.22 20.41 -0.07
CA ALA D 252 -8.93 21.82 0.11
C ALA D 252 -9.56 22.37 1.37
N SER D 253 -10.62 21.69 1.85
CA SER D 253 -11.47 22.19 2.93
C SER D 253 -11.08 21.68 4.31
N ASP D 254 -11.72 22.26 5.34
CA ASP D 254 -11.50 21.83 6.71
C ASP D 254 -12.11 20.45 6.98
N ASP D 255 -12.89 19.94 6.04
CA ASP D 255 -13.40 18.56 6.17
C ASP D 255 -12.28 17.52 6.10
N ALA D 256 -11.12 17.92 5.59
CA ALA D 256 -9.97 17.04 5.49
C ALA D 256 -8.85 17.49 6.41
N SER D 257 -9.21 18.12 7.53
CA SER D 257 -8.23 18.67 8.45
C SER D 257 -7.31 17.62 9.07
N PHE D 258 -7.75 16.35 9.14
CA PHE D 258 -6.87 15.30 9.67
C PHE D 258 -6.25 14.46 8.55
N ILE D 259 -6.28 14.98 7.32
CA ILE D 259 -5.72 14.25 6.19
C ILE D 259 -4.56 15.01 5.54
N THR D 260 -3.38 14.42 5.66
CA THR D 260 -2.18 14.99 5.04
C THR D 260 -1.25 13.85 4.63
N GLY D 261 -0.46 14.10 3.59
CA GLY D 261 0.45 13.09 3.08
C GLY D 261 -0.26 11.92 2.43
N SER D 262 -1.50 12.15 2.00
CA SER D 262 -2.35 11.08 1.50
C SER D 262 -2.09 10.69 0.05
N THR D 263 -2.16 9.38 -0.18
CA THR D 263 -2.28 8.83 -1.52
C THR D 263 -3.78 8.77 -1.82
N PHE D 264 -4.31 9.87 -2.32
CA PHE D 264 -5.76 10.03 -2.32
C PHE D 264 -6.37 9.52 -3.61
N LEU D 265 -6.68 8.23 -3.62
CA LEU D 265 -7.10 7.54 -4.83
C LEU D 265 -8.56 7.73 -5.13
N VAL D 266 -8.84 8.29 -6.31
CA VAL D 266 -10.19 8.44 -6.81
C VAL D 266 -10.21 7.71 -8.13
N ASP D 267 -10.32 6.38 -8.07
CA ASP D 267 -9.98 5.56 -9.22
C ASP D 267 -10.99 4.46 -9.55
N GLY D 268 -12.20 4.59 -9.01
CA GLY D 268 -13.29 3.70 -9.35
C GLY D 268 -12.99 2.27 -8.97
N GLY D 269 -12.06 2.10 -8.03
CA GLY D 269 -11.68 0.77 -7.54
C GLY D 269 -10.50 0.09 -8.23
N ILE D 270 -9.82 0.78 -9.14
CA ILE D 270 -8.76 0.15 -9.92
C ILE D 270 -7.66 -0.45 -9.06
N SER D 271 -7.15 0.32 -8.11
CA SER D 271 -6.03 -0.11 -7.28
C SER D 271 -6.41 -1.22 -6.31
N SER D 272 -7.71 -1.50 -6.20
CA SER D 272 -8.20 -2.46 -5.21
C SER D 272 -8.64 -3.79 -5.78
N ALA D 273 -8.57 -3.94 -7.09
CA ALA D 273 -9.33 -5.01 -7.77
C ALA D 273 -8.51 -6.03 -8.52
N TYR D 274 -8.84 -7.30 -8.27
CA TYR D 274 -8.44 -8.43 -9.09
C TYR D 274 -9.57 -8.65 -10.11
N VAL D 275 -10.32 -9.75 -9.99
CA VAL D 275 -11.42 -10.03 -10.92
C VAL D 275 -12.55 -9.00 -10.74
N THR D 276 -12.99 -8.41 -11.84
CA THR D 276 -14.01 -7.37 -11.83
C THR D 276 -15.41 -7.93 -12.07
N PRO D 277 -16.44 -7.21 -11.61
CA PRO D 277 -17.82 -7.67 -11.83
C PRO D 277 -18.22 -7.56 -13.30
N LEU D 278 -19.17 -8.37 -13.73
CA LEU D 278 -19.63 -8.36 -15.11
C LEU D 278 -20.42 -7.09 -15.43
#